data_5XA8
#
_entry.id   5XA8
#
_cell.length_a   162.970
_cell.length_b   75.020
_cell.length_c   152.240
_cell.angle_alpha   90.00
_cell.angle_beta   109.31
_cell.angle_gamma   90.00
#
_symmetry.space_group_name_H-M   'C 1 2 1'
#
loop_
_entity.id
_entity.type
_entity.pdbx_description
1 polymer 'Sarcoplasmic/endoplasmic reticulum calcium ATPase 1'
2 non-polymer 'CALCIUM ION'
3 non-polymer 'MAGNESIUM ION'
4 non-polymer 'TETRAFLUOROALUMINATE ION'
5 non-polymer "ADENOSINE-5'-DIPHOSPHATE"
6 non-polymer 1,2-DIOLEOYL-SN-GLYCERO-3-PHOSPHOCHOLINE
7 water water
#
_entity_poly.entity_id   1
_entity_poly.type   'polypeptide(L)'
_entity_poly.pdbx_seq_one_letter_code
;(ACE)MEAAHSKSTEECLAYFGVSETTGLTPDQVKRHLEKYGHNELPAEEGKSLWELVIEQFEDLLVRILLLAACISFVL
AWFEEGEETITAFVEPFVILLILIANAIVGVWQERNAENAIEALKEYEPEMGKVYRADRKSVQRIKARDIVPGDIVEVAV
GDKVPADIRILSIKSTTLRVDQSILTGESVSVIKHTEPVPDPRAVNQDKKNMLFSGTNIAAGKALGIVATTGVSTEIGKI
RDQMAATEQDKTPLQQKLDEFGEQLSKVISLICVAVWLINIGHFNDPVHGGSWIRGAIYYFKIAVALAVAAIPEGLPAVI
TTCLALGTRRMAKKNAIVRSLPSVETLGCTSVICSDKTGTLTTNQMSVCKMFIIDKVDGDFCSLNEFSITGSTYAPEGEV
LKNDKPIRSGQFDGLVELATICALCNDSSLDFNETKGVYEKVGEATETALTTLVEKMNVFNTEVRNLSKVERANACNSVI
RQLMKKEFTLEFSRDRKSMSVYCSPAKSSRAAVGNKMFVKGAPEGVIDRCNYVRVGTTRVPMTGPVKEKILSVIKEWGTG
RDTLRCLALATRDTPPKREEMVLDDSSRFMEYETDLTFVGVVGMLDPPRKEVMGSIQLCRDAGIRVIMITGDNKGTAIAI
CRRIGIFGENEEVADRAYTGREFDDLPLAEQREACRRACCFARVEPSHKSKIVEYLQSYDEITAMTGDGVNDAPALKKAE
IGIAMGSGTAVAKTASEMVLADDNFSTIVAAVEEGRAIYNNMKQFIRYLISSNVGEVVCIFLTAALGLPEALIPVQLLWV
NLVTDGLPATALGFNPPDLDIMDRPPRSPKEPLISGWLFFRYMAIGGYVGAATVGAAAWWFMYAEDGPGVTYHQLTHFMQ
CTEDHPHFEGLDCEIFEAPEPMTMALSVLVTIEMCNALNSLSENQSLMRMPPWVNIWLLGSICLSMSLHFLILYVDPLPM
IFKLKALDLTQWLMVLKISLPVIGLDEILKFIARNYLEG
;
_entity_poly.pdbx_strand_id   A
#
# COMPACT_ATOMS: atom_id res chain seq x y z
N MET A 2 -21.50 0.35 -31.16
CA MET A 2 -22.72 -0.41 -31.42
C MET A 2 -23.65 -0.38 -30.20
N GLU A 3 -24.61 0.53 -30.23
CA GLU A 3 -25.58 0.66 -29.14
C GLU A 3 -26.53 -0.53 -29.14
N ALA A 4 -26.85 -1.01 -27.94
CA ALA A 4 -27.74 -2.18 -27.76
C ALA A 4 -27.24 -3.38 -28.55
N ALA A 5 -25.97 -3.72 -28.37
CA ALA A 5 -25.39 -4.87 -29.03
C ALA A 5 -25.82 -6.16 -28.35
N HIS A 6 -26.28 -6.03 -27.11
CA HIS A 6 -26.79 -7.17 -26.34
C HIS A 6 -28.11 -7.66 -26.93
N SER A 7 -28.83 -6.77 -27.61
CA SER A 7 -30.10 -7.11 -28.23
C SER A 7 -29.90 -8.02 -29.43
N LYS A 8 -28.88 -7.71 -30.22
CA LYS A 8 -28.55 -8.52 -31.39
C LYS A 8 -27.88 -9.82 -30.98
N SER A 9 -27.95 -10.83 -31.85
CA SER A 9 -27.32 -12.12 -31.57
C SER A 9 -25.83 -12.05 -31.87
N THR A 10 -25.14 -13.17 -31.66
CA THR A 10 -23.70 -13.23 -31.92
C THR A 10 -23.43 -13.13 -33.42
N GLU A 11 -24.30 -13.70 -34.22
CA GLU A 11 -24.13 -13.72 -35.67
C GLU A 11 -24.32 -12.31 -36.25
N GLU A 12 -25.21 -11.54 -35.64
CA GLU A 12 -25.54 -10.21 -36.13
C GLU A 12 -24.49 -9.18 -35.72
N CYS A 13 -23.79 -9.45 -34.62
CA CYS A 13 -22.75 -8.54 -34.15
C CYS A 13 -21.46 -8.71 -34.95
N LEU A 14 -21.21 -9.94 -35.38
CA LEU A 14 -20.03 -10.23 -36.19
C LEU A 14 -20.14 -9.59 -37.56
N ALA A 15 -21.36 -9.61 -38.11
CA ALA A 15 -21.59 -9.05 -39.44
C ALA A 15 -21.79 -7.54 -39.39
N TYR A 16 -22.02 -7.02 -38.18
CA TYR A 16 -22.24 -5.58 -38.00
C TYR A 16 -20.97 -4.80 -38.31
N PHE A 17 -19.82 -5.34 -37.90
CA PHE A 17 -18.54 -4.70 -38.16
C PHE A 17 -17.82 -5.42 -39.31
N GLY A 18 -18.42 -6.50 -39.79
CA GLY A 18 -17.82 -7.30 -40.85
C GLY A 18 -16.55 -7.97 -40.39
N VAL A 19 -16.66 -8.79 -39.35
CA VAL A 19 -15.49 -9.47 -38.78
C VAL A 19 -15.69 -10.97 -38.75
N SER A 20 -14.59 -11.71 -38.95
CA SER A 20 -14.60 -13.15 -38.75
C SER A 20 -14.28 -13.45 -37.29
N GLU A 21 -15.08 -14.30 -36.67
CA GLU A 21 -14.97 -14.58 -35.24
C GLU A 21 -13.61 -15.15 -34.84
N THR A 22 -13.11 -16.10 -35.61
CA THR A 22 -11.86 -16.77 -35.29
C THR A 22 -10.65 -16.05 -35.88
N THR A 23 -10.90 -15.07 -36.74
CA THR A 23 -9.81 -14.36 -37.41
C THR A 23 -9.57 -12.98 -36.81
N GLY A 24 -10.56 -12.10 -36.91
CA GLY A 24 -10.45 -10.76 -36.36
C GLY A 24 -10.32 -9.68 -37.41
N LEU A 25 -10.13 -8.44 -36.97
CA LEU A 25 -10.04 -7.30 -37.88
C LEU A 25 -8.76 -7.32 -38.71
N THR A 26 -8.87 -6.85 -39.94
CA THR A 26 -7.72 -6.68 -40.81
C THR A 26 -6.99 -5.39 -40.43
N PRO A 27 -5.68 -5.31 -40.72
CA PRO A 27 -4.90 -4.12 -40.37
C PRO A 27 -5.45 -2.84 -40.98
N ASP A 28 -6.24 -2.96 -42.04
CA ASP A 28 -6.87 -1.80 -42.66
C ASP A 28 -8.15 -1.42 -41.94
N GLN A 29 -8.83 -2.42 -41.37
CA GLN A 29 -10.06 -2.17 -40.60
C GLN A 29 -9.75 -1.44 -39.30
N VAL A 30 -8.62 -1.78 -38.69
CA VAL A 30 -8.21 -1.14 -37.44
C VAL A 30 -7.87 0.33 -37.68
N LYS A 31 -7.24 0.60 -38.82
CA LYS A 31 -6.91 1.97 -39.21
C LYS A 31 -8.15 2.83 -39.34
N ARG A 32 -9.17 2.30 -39.99
CA ARG A 32 -10.42 3.03 -40.21
C ARG A 32 -11.18 3.24 -38.91
N HIS A 33 -11.16 2.24 -38.04
CA HIS A 33 -11.90 2.32 -36.78
C HIS A 33 -11.22 3.25 -35.78
N LEU A 34 -9.90 3.30 -35.80
CA LEU A 34 -9.15 4.24 -34.97
C LEU A 34 -9.37 5.66 -35.45
N GLU A 35 -9.78 5.80 -36.71
CA GLU A 35 -10.08 7.10 -37.27
C GLU A 35 -11.54 7.46 -37.02
N LYS A 36 -12.40 6.45 -37.03
CA LYS A 36 -13.83 6.65 -36.86
C LYS A 36 -14.24 6.69 -35.39
N TYR A 37 -13.71 5.75 -34.61
CA TYR A 37 -14.11 5.61 -33.21
C TYR A 37 -13.06 6.17 -32.25
N GLY A 38 -11.86 6.42 -32.76
CA GLY A 38 -10.79 6.94 -31.93
C GLY A 38 -10.21 5.89 -31.00
N HIS A 39 -9.29 6.32 -30.13
CA HIS A 39 -8.64 5.42 -29.19
C HIS A 39 -9.57 5.05 -28.02
N ASN A 40 -9.37 3.85 -27.48
CA ASN A 40 -10.14 3.40 -26.33
C ASN A 40 -9.55 3.92 -25.03
N GLU A 41 -9.87 5.17 -24.69
CA GLU A 41 -9.34 5.78 -23.48
C GLU A 41 -10.24 6.93 -23.00
N LEU A 42 -9.81 7.59 -21.93
CA LEU A 42 -10.57 8.69 -21.36
C LEU A 42 -9.67 9.90 -21.16
N PRO A 43 -10.26 11.12 -21.23
CA PRO A 43 -9.51 12.37 -21.09
C PRO A 43 -8.94 12.61 -19.68
N ALA A 44 -8.47 11.55 -19.02
CA ALA A 44 -7.84 11.64 -17.71
C ALA A 44 -8.73 12.31 -16.66
N GLU A 45 -10.05 12.26 -16.87
CA GLU A 45 -11.03 12.84 -15.96
C GLU A 45 -10.72 14.31 -15.66
N GLU A 46 -10.29 14.59 -14.44
CA GLU A 46 -9.99 15.96 -14.01
C GLU A 46 -8.75 15.98 -13.13
N GLY A 47 -8.96 16.17 -11.82
CA GLY A 47 -7.88 16.23 -10.87
C GLY A 47 -8.20 17.12 -9.69
N LYS A 48 -7.38 17.04 -8.65
CA LYS A 48 -7.57 17.84 -7.45
C LYS A 48 -7.27 19.31 -7.72
N SER A 49 -8.31 20.14 -7.72
CA SER A 49 -8.15 21.57 -7.97
C SER A 49 -7.31 22.23 -6.90
N LEU A 50 -6.39 23.09 -7.32
CA LEU A 50 -5.48 23.77 -6.39
C LEU A 50 -6.26 24.69 -5.45
N TRP A 51 -7.33 25.29 -5.96
CA TRP A 51 -8.17 26.16 -5.15
C TRP A 51 -8.93 25.36 -4.10
N GLU A 52 -9.26 24.12 -4.45
CA GLU A 52 -9.94 23.23 -3.53
C GLU A 52 -8.92 22.49 -2.66
N LEU A 53 -7.66 22.55 -3.06
CA LEU A 53 -6.58 21.92 -2.31
C LEU A 53 -6.17 22.79 -1.14
N VAL A 54 -6.45 24.09 -1.26
CA VAL A 54 -6.14 25.04 -0.20
C VAL A 54 -7.29 25.11 0.80
N ILE A 55 -8.51 24.96 0.30
CA ILE A 55 -9.70 25.05 1.14
C ILE A 55 -9.80 23.86 2.10
N GLU A 56 -9.07 22.79 1.81
CA GLU A 56 -9.06 21.61 2.67
C GLU A 56 -8.17 21.83 3.89
N GLN A 57 -7.24 22.78 3.77
CA GLN A 57 -6.34 23.13 4.87
C GLN A 57 -7.09 23.89 5.96
N PHE A 58 -8.25 24.43 5.60
CA PHE A 58 -9.06 25.21 6.53
C PHE A 58 -10.40 24.53 6.79
N GLU A 59 -10.35 23.24 7.13
CA GLU A 59 -11.57 22.47 7.40
C GLU A 59 -11.57 21.84 8.78
N ASP A 60 -10.37 21.60 9.32
CA ASP A 60 -10.24 20.97 10.62
C ASP A 60 -10.69 21.90 11.73
N LEU A 61 -11.01 21.33 12.89
CA LEU A 61 -11.49 22.10 14.03
C LEU A 61 -10.42 23.02 14.60
N LEU A 62 -9.22 22.48 14.80
CA LEU A 62 -8.12 23.24 15.39
C LEU A 62 -7.73 24.45 14.56
N VAL A 63 -7.84 24.32 13.24
CA VAL A 63 -7.54 25.42 12.33
C VAL A 63 -8.70 26.42 12.33
N ARG A 64 -9.92 25.91 12.43
CA ARG A 64 -11.11 26.74 12.42
C ARG A 64 -11.21 27.55 13.71
N ILE A 65 -10.62 27.04 14.78
CA ILE A 65 -10.56 27.76 16.05
C ILE A 65 -9.78 29.06 15.88
N LEU A 66 -8.60 28.95 15.28
CA LEU A 66 -7.77 30.12 15.02
C LEU A 66 -8.55 30.99 14.03
N LEU A 67 -9.43 30.37 13.26
CA LEU A 67 -10.24 31.07 12.28
C LEU A 67 -11.18 32.06 12.97
N LEU A 68 -11.92 31.56 13.95
CA LEU A 68 -12.86 32.39 14.70
C LEU A 68 -12.11 33.43 15.53
N ALA A 69 -10.90 33.07 15.96
CA ALA A 69 -10.08 33.97 16.75
C ALA A 69 -9.62 35.16 15.92
N ALA A 70 -9.17 34.88 14.70
CA ALA A 70 -8.69 35.92 13.80
C ALA A 70 -9.82 36.89 13.47
N CYS A 71 -11.05 36.38 13.42
CA CYS A 71 -12.21 37.21 13.14
C CYS A 71 -12.59 38.06 14.35
N ILE A 72 -12.59 37.44 15.52
CA ILE A 72 -12.91 38.14 16.75
C ILE A 72 -11.92 39.28 17.01
N SER A 73 -10.64 39.00 16.79
CA SER A 73 -9.60 40.01 16.95
C SER A 73 -9.76 41.13 15.94
N PHE A 74 -10.36 40.82 14.80
CA PHE A 74 -10.63 41.81 13.76
C PHE A 74 -11.86 42.64 14.11
N VAL A 75 -12.86 41.98 14.69
CA VAL A 75 -14.08 42.66 15.12
C VAL A 75 -13.79 43.54 16.33
N LEU A 76 -12.99 43.02 17.25
CA LEU A 76 -12.64 43.75 18.47
C LEU A 76 -11.70 44.91 18.15
N ALA A 77 -11.13 44.90 16.95
CA ALA A 77 -10.24 45.97 16.52
C ALA A 77 -11.01 47.25 16.21
N TRP A 78 -12.32 47.12 16.02
CA TRP A 78 -13.17 48.27 15.75
C TRP A 78 -13.59 48.97 17.03
N PHE A 79 -13.24 48.37 18.17
CA PHE A 79 -13.54 48.96 19.47
C PHE A 79 -12.28 49.52 20.11
N GLU A 80 -11.20 49.63 19.33
CA GLU A 80 -9.93 50.10 19.82
C GLU A 80 -9.83 51.63 19.79
N GLU A 81 -9.30 52.20 20.86
CA GLU A 81 -9.13 53.65 20.95
C GLU A 81 -8.06 54.14 19.98
N GLY A 82 -8.13 55.42 19.62
CA GLY A 82 -7.27 55.99 18.60
C GLY A 82 -5.78 56.00 18.90
N GLU A 83 -5.43 56.02 20.18
CA GLU A 83 -4.04 56.13 20.59
C GLU A 83 -3.27 54.82 20.40
N GLU A 84 -3.96 53.70 20.54
CA GLU A 84 -3.32 52.38 20.47
C GLU A 84 -3.91 51.52 19.35
N THR A 85 -4.06 52.11 18.17
CA THR A 85 -4.66 51.41 17.04
C THR A 85 -3.73 50.40 16.39
N ILE A 86 -2.52 50.85 16.06
CA ILE A 86 -1.56 50.07 15.28
C ILE A 86 -1.31 48.67 15.86
N THR A 87 -1.31 48.58 17.18
CA THR A 87 -1.06 47.31 17.86
C THR A 87 -2.21 46.33 17.65
N ALA A 88 -3.43 46.85 17.53
CA ALA A 88 -4.62 46.02 17.43
C ALA A 88 -4.77 45.36 16.05
N PHE A 89 -4.34 46.07 15.00
CA PHE A 89 -4.49 45.58 13.63
C PHE A 89 -3.57 44.41 13.31
N VAL A 90 -2.49 44.28 14.08
CA VAL A 90 -1.48 43.25 13.83
C VAL A 90 -1.92 41.90 14.39
N GLU A 91 -2.65 41.93 15.50
CA GLU A 91 -3.08 40.71 16.20
C GLU A 91 -3.73 39.65 15.30
N PRO A 92 -4.73 40.01 14.47
CA PRO A 92 -5.34 38.94 13.68
C PRO A 92 -4.43 38.43 12.56
N PHE A 93 -3.50 39.26 12.11
CA PHE A 93 -2.57 38.85 11.06
C PHE A 93 -1.56 37.84 11.58
N VAL A 94 -1.17 37.98 12.84
CA VAL A 94 -0.26 37.04 13.47
C VAL A 94 -0.91 35.66 13.58
N ILE A 95 -2.20 35.66 13.88
CA ILE A 95 -2.98 34.44 13.99
C ILE A 95 -3.20 33.80 12.62
N LEU A 96 -3.37 34.64 11.61
CA LEU A 96 -3.71 34.17 10.27
C LEU A 96 -2.46 33.75 9.48
N LEU A 97 -1.31 34.32 9.83
CA LEU A 97 -0.08 34.05 9.11
C LEU A 97 0.44 32.63 9.36
N ILE A 98 0.28 32.16 10.58
CA ILE A 98 0.74 30.83 10.94
C ILE A 98 -0.10 29.75 10.26
N LEU A 99 -1.36 30.08 9.98
CA LEU A 99 -2.26 29.16 9.30
C LEU A 99 -1.87 29.01 7.83
N ILE A 100 -1.48 30.12 7.22
CA ILE A 100 -1.06 30.12 5.83
C ILE A 100 0.28 29.40 5.68
N ALA A 101 1.16 29.57 6.66
CA ALA A 101 2.48 28.96 6.65
C ALA A 101 2.38 27.44 6.55
N ASN A 102 1.49 26.85 7.33
CA ASN A 102 1.26 25.40 7.29
C ASN A 102 0.42 24.99 6.09
N ALA A 103 -0.37 25.94 5.58
CA ALA A 103 -1.21 25.67 4.43
C ALA A 103 -0.37 25.50 3.16
N ILE A 104 0.67 26.33 3.05
CA ILE A 104 1.57 26.26 1.91
C ILE A 104 2.29 24.93 1.86
N VAL A 105 2.85 24.51 3.00
CA VAL A 105 3.59 23.26 3.08
C VAL A 105 2.70 22.07 2.74
N GLY A 106 1.44 22.12 3.15
CA GLY A 106 0.49 21.06 2.89
C GLY A 106 0.15 20.92 1.41
N VAL A 107 -0.28 22.02 0.80
CA VAL A 107 -0.64 22.03 -0.61
C VAL A 107 0.56 21.68 -1.48
N TRP A 108 1.73 22.19 -1.12
CA TRP A 108 2.97 21.92 -1.83
C TRP A 108 3.31 20.43 -1.79
N GLN A 109 3.23 19.84 -0.61
CA GLN A 109 3.58 18.44 -0.42
C GLN A 109 2.55 17.53 -1.08
N GLU A 110 1.31 18.01 -1.14
CA GLU A 110 0.24 17.25 -1.76
C GLU A 110 0.43 17.16 -3.27
N ARG A 111 0.81 18.27 -3.87
CA ARG A 111 1.04 18.32 -5.32
C ARG A 111 2.14 17.36 -5.74
N ASN A 112 3.25 17.36 -5.00
CA ASN A 112 4.37 16.48 -5.30
C ASN A 112 3.98 15.01 -5.15
N ALA A 113 3.08 14.73 -4.22
CA ALA A 113 2.62 13.37 -3.99
C ALA A 113 1.69 12.91 -5.12
N GLU A 114 0.82 13.79 -5.57
CA GLU A 114 -0.12 13.48 -6.64
C GLU A 114 0.61 13.25 -7.96
N ASN A 115 1.68 14.01 -8.19
CA ASN A 115 2.47 13.89 -9.40
C ASN A 115 3.24 12.57 -9.45
N ALA A 116 3.85 12.21 -8.32
CA ALA A 116 4.63 10.98 -8.23
C ALA A 116 3.74 9.76 -8.45
N ILE A 117 2.48 9.87 -8.05
CA ILE A 117 1.52 8.79 -8.22
C ILE A 117 1.12 8.62 -9.69
N GLU A 118 0.76 9.74 -10.33
CA GLU A 118 0.33 9.71 -11.72
C GLU A 118 1.49 9.38 -12.66
N ALA A 119 2.71 9.64 -12.21
CA ALA A 119 3.91 9.31 -12.99
C ALA A 119 4.24 7.82 -12.86
N LEU A 120 3.48 7.13 -12.02
CA LEU A 120 3.68 5.71 -11.80
C LEU A 120 2.50 4.91 -12.36
N LYS A 121 1.31 5.50 -12.29
CA LYS A 121 0.12 4.86 -12.82
C LYS A 121 0.13 4.84 -14.35
N GLU A 122 0.73 5.86 -14.94
CA GLU A 122 0.77 5.99 -16.39
C GLU A 122 2.05 5.41 -16.98
N TYR A 123 2.94 4.95 -16.12
CA TYR A 123 4.22 4.40 -16.56
C TYR A 123 4.02 3.12 -17.38
N GLU A 124 3.26 2.18 -16.82
CA GLU A 124 3.01 0.90 -17.49
C GLU A 124 1.65 0.89 -18.17
N PRO A 125 1.64 0.81 -19.52
CA PRO A 125 0.40 0.81 -20.30
C PRO A 125 -0.39 -0.49 -20.16
N GLU A 126 -1.71 -0.37 -20.01
CA GLU A 126 -2.57 -1.55 -19.89
C GLU A 126 -2.75 -2.25 -21.24
N MET A 127 -2.59 -3.57 -21.23
CA MET A 127 -2.68 -4.36 -22.46
C MET A 127 -3.94 -5.21 -22.48
N GLY A 128 -4.30 -5.69 -23.67
CA GLY A 128 -5.48 -6.53 -23.82
C GLY A 128 -5.26 -7.59 -24.89
N LYS A 129 -5.89 -8.75 -24.72
CA LYS A 129 -5.76 -9.84 -25.67
C LYS A 129 -6.77 -9.69 -26.80
N VAL A 130 -6.28 -9.68 -28.04
CA VAL A 130 -7.17 -9.54 -29.19
C VAL A 130 -6.86 -10.56 -30.29
N TYR A 131 -7.89 -10.90 -31.06
CA TYR A 131 -7.72 -11.70 -32.27
C TYR A 131 -7.87 -10.81 -33.48
N ARG A 132 -6.83 -10.75 -34.31
CA ARG A 132 -6.87 -9.95 -35.52
C ARG A 132 -6.31 -10.72 -36.71
N ALA A 133 -6.63 -10.27 -37.91
CA ALA A 133 -6.20 -10.95 -39.13
C ALA A 133 -4.69 -10.90 -39.32
N ASP A 134 -4.04 -10.03 -38.55
CA ASP A 134 -2.59 -9.88 -38.59
C ASP A 134 -1.88 -11.18 -38.25
N ARG A 135 -2.33 -11.84 -37.18
CA ARG A 135 -1.69 -13.06 -36.70
C ARG A 135 -2.71 -14.18 -36.49
N LYS A 136 -2.23 -15.42 -36.51
CA LYS A 136 -3.11 -16.57 -36.29
C LYS A 136 -3.50 -16.70 -34.83
N SER A 137 -2.51 -16.66 -33.95
CA SER A 137 -2.76 -16.76 -32.52
C SER A 137 -3.16 -15.40 -31.96
N VAL A 138 -3.67 -15.40 -30.73
CA VAL A 138 -4.06 -14.16 -30.07
C VAL A 138 -2.84 -13.32 -29.73
N GLN A 139 -2.88 -12.05 -30.10
CA GLN A 139 -1.76 -11.14 -29.88
C GLN A 139 -2.06 -10.14 -28.76
N ARG A 140 -1.01 -9.53 -28.22
CA ARG A 140 -1.16 -8.56 -27.14
C ARG A 140 -1.00 -7.13 -27.65
N ILE A 141 -2.04 -6.32 -27.48
CA ILE A 141 -1.99 -4.91 -27.89
C ILE A 141 -2.38 -4.00 -26.73
N LYS A 142 -2.09 -2.70 -26.89
CA LYS A 142 -2.48 -1.72 -25.88
C LYS A 142 -4.00 -1.57 -25.84
N ALA A 143 -4.54 -1.37 -24.65
CA ALA A 143 -5.98 -1.22 -24.48
C ALA A 143 -6.50 0.02 -25.19
N ARG A 144 -5.63 1.03 -25.30
CA ARG A 144 -5.99 2.28 -25.97
C ARG A 144 -6.16 2.08 -27.47
N ASP A 145 -5.57 1.03 -28.02
CA ASP A 145 -5.72 0.79 -29.45
C ASP A 145 -6.85 -0.17 -29.78
N ILE A 146 -7.68 -0.49 -28.81
CA ILE A 146 -8.78 -1.41 -29.06
C ILE A 146 -9.91 -0.60 -29.62
N VAL A 147 -10.61 -1.17 -30.59
CA VAL A 147 -11.72 -0.48 -31.23
C VAL A 147 -12.90 -1.40 -31.37
N PRO A 148 -14.15 -0.80 -31.45
CA PRO A 148 -15.26 -1.75 -31.58
C PRO A 148 -15.05 -2.61 -32.80
N GLY A 149 -15.27 -3.90 -32.68
CA GLY A 149 -15.07 -4.76 -33.82
C GLY A 149 -14.18 -5.92 -33.50
N ASP A 150 -12.89 -5.68 -33.39
CA ASP A 150 -11.97 -6.77 -33.14
C ASP A 150 -12.41 -7.65 -32.01
N ILE A 151 -12.10 -8.94 -32.16
CA ILE A 151 -12.42 -9.96 -31.17
C ILE A 151 -11.44 -9.88 -30.00
N VAL A 152 -11.97 -9.86 -28.79
CA VAL A 152 -11.15 -9.74 -27.58
C VAL A 152 -11.29 -10.98 -26.69
N GLU A 153 -10.15 -11.50 -26.24
CA GLU A 153 -10.14 -12.67 -25.36
C GLU A 153 -9.86 -12.27 -23.92
N VAL A 154 -10.60 -12.86 -22.99
CA VAL A 154 -10.40 -12.62 -21.56
C VAL A 154 -10.53 -13.90 -20.75
N ALA A 155 -9.68 -14.06 -19.75
CA ALA A 155 -9.72 -15.23 -18.88
C ALA A 155 -9.81 -14.81 -17.41
N VAL A 156 -9.53 -15.74 -16.51
CA VAL A 156 -9.59 -15.46 -15.08
C VAL A 156 -8.57 -14.41 -14.67
N GLY A 157 -9.01 -13.45 -13.85
CA GLY A 157 -8.11 -12.45 -13.32
C GLY A 157 -7.91 -11.25 -14.23
N ASP A 158 -8.38 -11.36 -15.47
CA ASP A 158 -8.20 -10.28 -16.43
C ASP A 158 -9.14 -9.12 -16.13
N LYS A 159 -8.72 -7.92 -16.55
CA LYS A 159 -9.58 -6.74 -16.50
C LYS A 159 -10.19 -6.51 -17.87
N VAL A 160 -11.52 -6.36 -17.92
CA VAL A 160 -12.22 -6.12 -19.17
C VAL A 160 -11.86 -4.75 -19.75
N PRO A 161 -11.25 -4.73 -20.94
CA PRO A 161 -10.76 -3.49 -21.56
C PRO A 161 -11.87 -2.53 -22.00
N ALA A 162 -12.83 -3.02 -22.76
CA ALA A 162 -13.96 -2.20 -23.20
C ALA A 162 -15.26 -2.97 -23.05
N ASP A 163 -16.36 -2.41 -23.53
CA ASP A 163 -17.65 -3.11 -23.49
C ASP A 163 -17.64 -4.24 -24.51
N ILE A 164 -17.71 -5.48 -24.01
CA ILE A 164 -17.58 -6.64 -24.87
C ILE A 164 -18.89 -7.41 -24.98
N ARG A 165 -19.25 -7.78 -26.20
CA ARG A 165 -20.38 -8.68 -26.44
C ARG A 165 -19.87 -10.11 -26.53
N ILE A 166 -20.24 -10.92 -25.55
CA ILE A 166 -19.74 -12.29 -25.46
C ILE A 166 -20.18 -13.15 -26.65
N LEU A 167 -19.20 -13.69 -27.37
CA LEU A 167 -19.47 -14.52 -28.53
C LEU A 167 -19.46 -16.00 -28.16
N SER A 168 -18.52 -16.38 -27.30
CA SER A 168 -18.39 -17.77 -26.88
C SER A 168 -17.69 -17.87 -25.53
N ILE A 169 -18.22 -18.73 -24.67
CA ILE A 169 -17.61 -18.98 -23.37
C ILE A 169 -16.83 -20.29 -23.39
N LYS A 170 -15.51 -20.19 -23.40
CA LYS A 170 -14.66 -21.38 -23.51
C LYS A 170 -14.59 -22.18 -22.21
N SER A 171 -15.43 -21.82 -21.25
CA SER A 171 -15.50 -22.55 -19.98
C SER A 171 -16.93 -22.95 -19.67
N THR A 172 -17.11 -23.81 -18.68
CA THR A 172 -18.45 -24.25 -18.29
C THR A 172 -19.19 -23.15 -17.53
N THR A 173 -18.44 -22.18 -17.02
CA THR A 173 -19.02 -21.07 -16.27
C THR A 173 -18.16 -19.82 -16.40
N LEU A 174 -18.80 -18.66 -16.52
CA LEU A 174 -18.08 -17.39 -16.57
C LEU A 174 -18.62 -16.41 -15.54
N ARG A 175 -17.91 -16.26 -14.43
CA ARG A 175 -18.34 -15.35 -13.37
C ARG A 175 -17.55 -14.05 -13.40
N VAL A 176 -18.27 -12.93 -13.34
CA VAL A 176 -17.65 -11.62 -13.49
C VAL A 176 -17.88 -10.72 -12.28
N ASP A 177 -16.80 -10.16 -11.75
CA ASP A 177 -16.87 -9.21 -10.64
C ASP A 177 -17.08 -7.80 -11.16
N GLN A 178 -18.34 -7.35 -11.14
CA GLN A 178 -18.68 -6.02 -11.63
C GLN A 178 -19.27 -5.14 -10.54
N SER A 179 -18.62 -5.12 -9.38
CA SER A 179 -19.08 -4.32 -8.25
C SER A 179 -18.72 -2.85 -8.44
N ILE A 180 -17.76 -2.58 -9.30
CA ILE A 180 -17.32 -1.21 -9.55
C ILE A 180 -18.36 -0.44 -10.36
N LEU A 181 -19.27 -1.18 -10.98
CA LEU A 181 -20.30 -0.57 -11.82
C LEU A 181 -21.69 -0.84 -11.27
N THR A 182 -22.12 -2.10 -11.34
CA THR A 182 -23.47 -2.48 -10.91
C THR A 182 -23.61 -2.48 -9.40
N GLY A 183 -22.48 -2.50 -8.68
CA GLY A 183 -22.50 -2.40 -7.24
C GLY A 183 -22.58 -3.74 -6.52
N GLU A 184 -23.14 -4.74 -7.19
CA GLU A 184 -23.30 -6.07 -6.60
C GLU A 184 -21.95 -6.70 -6.29
N SER A 185 -21.80 -7.18 -5.05
CA SER A 185 -20.53 -7.72 -4.57
C SER A 185 -20.19 -9.06 -5.18
N VAL A 186 -21.06 -10.05 -4.94
CA VAL A 186 -20.84 -11.41 -5.43
C VAL A 186 -20.80 -11.45 -6.96
N SER A 187 -19.88 -12.26 -7.49
CA SER A 187 -19.72 -12.41 -8.93
C SER A 187 -20.99 -12.90 -9.59
N VAL A 188 -21.25 -12.42 -10.81
CA VAL A 188 -22.45 -12.78 -11.54
C VAL A 188 -22.14 -13.69 -12.72
N ILE A 189 -23.11 -14.50 -13.12
CA ILE A 189 -22.94 -15.45 -14.22
C ILE A 189 -23.33 -14.84 -15.57
N LYS A 190 -22.48 -15.03 -16.57
CA LYS A 190 -22.74 -14.50 -17.91
C LYS A 190 -23.12 -15.61 -18.89
N HIS A 191 -23.87 -15.25 -19.92
CA HIS A 191 -24.24 -16.18 -20.98
C HIS A 191 -24.06 -15.56 -22.36
N THR A 192 -24.32 -16.35 -23.41
CA THR A 192 -24.13 -15.89 -24.78
C THR A 192 -25.46 -15.57 -25.47
N GLU A 193 -26.57 -15.90 -24.83
CA GLU A 193 -27.88 -15.61 -25.37
C GLU A 193 -28.17 -14.11 -25.32
N PRO A 194 -28.80 -13.58 -26.39
CA PRO A 194 -29.09 -12.14 -26.47
C PRO A 194 -30.24 -11.70 -25.57
N VAL A 195 -30.15 -10.48 -25.06
CA VAL A 195 -31.22 -9.90 -24.25
C VAL A 195 -32.08 -8.97 -25.12
N PRO A 196 -33.31 -9.40 -25.43
CA PRO A 196 -34.20 -8.71 -26.37
C PRO A 196 -34.52 -7.27 -25.96
N ASP A 197 -34.61 -7.00 -24.66
CA ASP A 197 -34.91 -5.66 -24.19
C ASP A 197 -33.71 -4.73 -24.34
N PRO A 198 -33.85 -3.70 -25.20
CA PRO A 198 -32.76 -2.74 -25.44
C PRO A 198 -32.66 -1.70 -24.33
N ARG A 199 -33.75 -1.50 -23.61
CA ARG A 199 -33.78 -0.52 -22.53
C ARG A 199 -33.47 -1.17 -21.19
N ALA A 200 -32.86 -2.35 -21.24
CA ALA A 200 -32.52 -3.09 -20.04
C ALA A 200 -31.35 -2.45 -19.30
N VAL A 201 -31.28 -2.70 -18.00
CA VAL A 201 -30.19 -2.18 -17.17
C VAL A 201 -28.94 -3.04 -17.36
N ASN A 202 -27.82 -2.56 -16.83
CA ASN A 202 -26.55 -3.27 -16.95
C ASN A 202 -26.59 -4.65 -16.29
N GLN A 203 -27.38 -4.76 -15.23
CA GLN A 203 -27.53 -6.02 -14.51
C GLN A 203 -28.27 -7.05 -15.35
N ASP A 204 -29.07 -6.58 -16.29
CA ASP A 204 -29.84 -7.47 -17.16
C ASP A 204 -29.03 -7.86 -18.39
N LYS A 205 -27.91 -7.18 -18.60
CA LYS A 205 -27.03 -7.49 -19.71
C LYS A 205 -26.10 -8.66 -19.39
N LYS A 206 -26.68 -9.85 -19.34
CA LYS A 206 -25.95 -11.05 -18.95
C LYS A 206 -25.13 -11.64 -20.09
N ASN A 207 -24.91 -10.84 -21.13
CA ASN A 207 -24.08 -11.25 -22.25
C ASN A 207 -23.04 -10.18 -22.58
N MET A 208 -22.93 -9.19 -21.70
CA MET A 208 -22.01 -8.08 -21.91
C MET A 208 -20.90 -8.09 -20.88
N LEU A 209 -19.73 -7.61 -21.27
CA LEU A 209 -18.59 -7.50 -20.37
C LEU A 209 -18.16 -6.05 -20.26
N PHE A 210 -18.51 -5.41 -19.15
CA PHE A 210 -18.27 -3.98 -18.98
C PHE A 210 -16.81 -3.67 -18.64
N SER A 211 -16.29 -2.59 -19.21
CA SER A 211 -14.92 -2.15 -18.96
C SER A 211 -14.71 -1.83 -17.49
N GLY A 212 -13.49 -2.07 -17.00
CA GLY A 212 -13.15 -1.76 -15.63
C GLY A 212 -13.50 -2.86 -14.64
N THR A 213 -14.26 -3.84 -15.11
CA THR A 213 -14.66 -4.96 -14.25
C THR A 213 -13.68 -6.13 -14.41
N ASN A 214 -13.78 -7.12 -13.53
CA ASN A 214 -12.86 -8.25 -13.55
C ASN A 214 -13.57 -9.59 -13.74
N ILE A 215 -12.90 -10.52 -14.40
CA ILE A 215 -13.42 -11.88 -14.54
C ILE A 215 -13.02 -12.71 -13.33
N ALA A 216 -14.01 -13.15 -12.57
CA ALA A 216 -13.76 -13.91 -11.35
C ALA A 216 -13.42 -15.37 -11.67
N ALA A 217 -14.00 -15.89 -12.74
CA ALA A 217 -13.77 -17.28 -13.11
C ALA A 217 -14.09 -17.53 -14.58
N GLY A 218 -13.39 -18.49 -15.18
CA GLY A 218 -13.65 -18.90 -16.54
C GLY A 218 -12.91 -18.12 -17.60
N LYS A 219 -13.29 -18.36 -18.86
CA LYS A 219 -12.65 -17.71 -20.00
C LYS A 219 -13.64 -17.62 -21.15
N ALA A 220 -13.73 -16.43 -21.75
CA ALA A 220 -14.67 -16.22 -22.84
C ALA A 220 -14.06 -15.48 -24.02
N LEU A 221 -14.72 -15.56 -25.16
CA LEU A 221 -14.33 -14.85 -26.36
C LEU A 221 -15.46 -13.90 -26.76
N GLY A 222 -15.11 -12.68 -27.15
CA GLY A 222 -16.13 -11.71 -27.49
C GLY A 222 -15.71 -10.57 -28.41
N ILE A 223 -16.70 -9.89 -28.97
CA ILE A 223 -16.46 -8.74 -29.84
C ILE A 223 -16.77 -7.44 -29.10
N VAL A 224 -15.96 -6.42 -29.33
CA VAL A 224 -16.12 -5.14 -28.64
C VAL A 224 -17.36 -4.39 -29.12
N ALA A 225 -18.15 -3.90 -28.17
CA ALA A 225 -19.32 -3.09 -28.47
C ALA A 225 -19.25 -1.57 -28.48
N THR A 226 -18.65 -0.99 -27.45
CA THR A 226 -18.26 0.41 -27.41
C THR A 226 -16.93 0.61 -26.68
N THR A 227 -16.21 1.66 -27.03
CA THR A 227 -14.94 1.97 -26.39
C THR A 227 -14.93 3.41 -25.86
N GLY A 228 -13.81 3.80 -25.26
CA GLY A 228 -13.62 5.16 -24.78
C GLY A 228 -14.70 5.66 -23.83
N VAL A 229 -15.23 6.85 -24.13
CA VAL A 229 -16.24 7.48 -23.30
C VAL A 229 -17.59 6.78 -23.46
N SER A 230 -17.77 6.13 -24.60
CA SER A 230 -19.03 5.45 -24.90
C SER A 230 -19.26 4.22 -24.01
N THR A 231 -18.21 3.80 -23.31
CA THR A 231 -18.32 2.67 -22.38
C THR A 231 -19.30 2.98 -21.27
N GLU A 232 -19.95 1.95 -20.75
CA GLU A 232 -20.96 2.11 -19.71
C GLU A 232 -20.38 2.68 -18.42
N ILE A 233 -19.09 2.43 -18.20
CA ILE A 233 -18.40 2.95 -17.03
C ILE A 233 -17.77 4.31 -17.35
N GLY A 234 -17.64 4.60 -18.64
CA GLY A 234 -17.08 5.86 -19.09
C GLY A 234 -18.09 6.97 -19.08
N LYS A 235 -19.38 6.60 -19.04
CA LYS A 235 -20.46 7.58 -18.99
C LYS A 235 -20.51 8.26 -17.64
N ILE A 236 -20.08 7.56 -16.60
CA ILE A 236 -20.14 8.07 -15.23
C ILE A 236 -18.78 8.57 -14.77
N ARG A 237 -17.75 8.34 -15.59
CA ARG A 237 -16.40 8.75 -15.23
C ARG A 237 -16.19 10.25 -15.48
N ASP A 238 -16.83 10.76 -16.52
CA ASP A 238 -16.67 12.17 -16.90
C ASP A 238 -17.58 13.08 -16.09
N GLN A 239 -18.38 12.49 -15.21
CA GLN A 239 -19.32 13.26 -14.39
C GLN A 239 -19.34 12.77 -12.94
N MET A 240 -19.91 11.68 -12.69
CA MET A 240 -20.06 11.14 -11.34
C MET A 240 -18.73 10.72 -10.74
N ALA A 241 -18.03 11.68 -10.28
CA ALA A 241 -16.69 11.49 -9.73
C ALA A 241 -16.70 11.60 -8.20
N ALA A 242 -17.52 10.78 -7.56
CA ALA A 242 -17.59 10.75 -6.09
C ALA A 242 -16.36 10.09 -5.52
N THR A 243 -15.48 10.89 -4.91
CA THR A 243 -14.23 10.39 -4.36
C THR A 243 -14.45 9.48 -3.15
N GLU A 244 -13.56 8.50 -2.99
CA GLU A 244 -13.64 7.56 -1.87
C GLU A 244 -12.70 7.99 -0.75
N GLN A 245 -12.52 9.30 -0.58
CA GLN A 245 -11.62 9.83 0.43
C GLN A 245 -12.13 9.57 1.84
N ASP A 246 -11.22 9.18 2.73
CA ASP A 246 -11.56 8.92 4.11
C ASP A 246 -10.31 8.99 4.98
N LYS A 247 -10.46 9.51 6.20
CA LYS A 247 -9.32 9.71 7.09
C LYS A 247 -8.84 8.39 7.68
N THR A 248 -7.52 8.24 7.78
CA THR A 248 -6.90 7.02 8.28
C THR A 248 -7.13 6.84 9.78
N PRO A 249 -7.08 5.59 10.27
CA PRO A 249 -7.23 5.31 11.70
C PRO A 249 -6.30 6.13 12.58
N LEU A 250 -5.05 6.29 12.17
CA LEU A 250 -4.08 7.09 12.91
C LEU A 250 -4.50 8.56 12.88
N GLN A 251 -5.03 9.00 11.75
CA GLN A 251 -5.49 10.37 11.59
C GLN A 251 -6.70 10.64 12.50
N GLN A 252 -7.54 9.62 12.66
CA GLN A 252 -8.70 9.72 13.54
C GLN A 252 -8.28 9.71 15.00
N LYS A 253 -7.18 9.01 15.29
CA LYS A 253 -6.66 8.92 16.65
C LYS A 253 -6.05 10.25 17.08
N LEU A 254 -5.58 11.02 16.10
CA LEU A 254 -4.99 12.32 16.38
C LEU A 254 -6.06 13.41 16.48
N ASP A 255 -7.08 13.31 15.62
CA ASP A 255 -8.19 14.26 15.65
C ASP A 255 -8.99 14.09 16.95
N GLU A 256 -9.05 12.86 17.44
CA GLU A 256 -9.68 12.58 18.72
C GLU A 256 -8.87 13.24 19.84
N PHE A 257 -7.54 13.11 19.72
CA PHE A 257 -6.62 13.73 20.67
C PHE A 257 -6.63 15.25 20.52
N GLY A 258 -7.00 15.71 19.33
CA GLY A 258 -7.10 17.14 19.06
C GLY A 258 -8.25 17.78 19.81
N GLU A 259 -9.40 17.13 19.78
CA GLU A 259 -10.58 17.61 20.51
C GLU A 259 -10.39 17.40 22.00
N GLN A 260 -9.55 16.42 22.36
CA GLN A 260 -9.23 16.15 23.75
C GLN A 260 -8.47 17.32 24.35
N LEU A 261 -7.61 17.93 23.54
CA LEU A 261 -6.86 19.11 23.98
C LEU A 261 -7.70 20.37 23.85
N SER A 262 -8.58 20.40 22.85
CA SER A 262 -9.42 21.56 22.59
C SER A 262 -10.38 21.83 23.75
N LYS A 263 -10.63 20.80 24.55
CA LYS A 263 -11.47 20.94 25.74
C LYS A 263 -10.64 21.36 26.95
N VAL A 264 -9.49 20.72 27.11
CA VAL A 264 -8.59 21.02 28.23
C VAL A 264 -8.06 22.45 28.15
N ILE A 265 -7.60 22.85 26.96
CA ILE A 265 -7.12 24.21 26.75
C ILE A 265 -8.23 25.21 26.99
N SER A 266 -9.44 24.87 26.54
CA SER A 266 -10.60 25.72 26.74
C SER A 266 -10.89 25.96 28.22
N LEU A 267 -10.60 24.95 29.04
CA LEU A 267 -10.83 25.04 30.48
C LEU A 267 -9.80 25.95 31.16
N ILE A 268 -8.54 25.79 30.81
CA ILE A 268 -7.47 26.54 31.44
C ILE A 268 -7.41 27.98 30.94
N CYS A 269 -8.13 28.25 29.86
CA CYS A 269 -8.21 29.62 29.34
C CYS A 269 -9.25 30.42 30.12
N VAL A 270 -10.36 29.76 30.47
CA VAL A 270 -11.35 30.37 31.34
C VAL A 270 -10.75 30.55 32.74
N ALA A 271 -9.86 29.63 33.10
CA ALA A 271 -9.17 29.68 34.38
C ALA A 271 -8.29 30.92 34.50
N VAL A 272 -7.87 31.46 33.36
CA VAL A 272 -7.08 32.69 33.34
C VAL A 272 -7.99 33.91 33.53
N TRP A 273 -9.14 33.88 32.86
CA TRP A 273 -10.08 35.00 32.91
C TRP A 273 -10.79 35.07 34.27
N LEU A 274 -10.75 33.98 35.03
CA LEU A 274 -11.43 33.93 36.32
C LEU A 274 -10.53 34.31 37.50
N ILE A 275 -9.24 34.03 37.39
CA ILE A 275 -8.32 34.36 38.47
C ILE A 275 -7.79 35.78 38.32
N ASN A 276 -8.33 36.50 37.34
CA ASN A 276 -7.93 37.89 37.10
C ASN A 276 -9.12 38.83 37.06
N ILE A 277 -10.21 38.43 37.71
CA ILE A 277 -11.40 39.27 37.80
C ILE A 277 -11.12 40.50 38.65
N GLY A 278 -10.25 40.34 39.65
CA GLY A 278 -9.89 41.43 40.54
C GLY A 278 -9.06 42.51 39.85
N HIS A 279 -8.61 42.23 38.64
CA HIS A 279 -7.81 43.18 37.89
C HIS A 279 -8.63 43.91 36.82
N PHE A 280 -9.95 43.73 36.87
CA PHE A 280 -10.83 44.38 35.91
C PHE A 280 -10.97 45.87 36.23
N ASN A 281 -10.72 46.22 37.49
CA ASN A 281 -10.74 47.61 37.91
C ASN A 281 -9.37 48.05 38.43
N ASP A 282 -8.38 48.06 37.54
CA ASP A 282 -7.01 48.43 37.90
C ASP A 282 -6.56 49.67 37.15
N PRO A 283 -5.65 50.45 37.77
CA PRO A 283 -5.11 51.66 37.14
C PRO A 283 -4.28 51.36 35.89
N VAL A 284 -3.88 50.11 35.72
CA VAL A 284 -3.13 49.69 34.55
C VAL A 284 -3.97 49.88 33.29
N HIS A 285 -5.24 49.50 33.37
CA HIS A 285 -6.16 49.69 32.26
C HIS A 285 -6.88 51.03 32.40
N GLY A 286 -7.30 51.34 33.62
CA GLY A 286 -7.97 52.59 33.89
C GLY A 286 -9.43 52.60 33.46
N GLY A 287 -9.89 51.48 32.93
CA GLY A 287 -11.25 51.35 32.46
C GLY A 287 -12.22 50.90 33.52
N SER A 288 -13.47 50.71 33.14
CA SER A 288 -14.50 50.27 34.07
C SER A 288 -14.40 48.78 34.34
N TRP A 289 -15.44 48.22 34.96
CA TRP A 289 -15.47 46.80 35.29
C TRP A 289 -15.76 45.95 34.06
N ILE A 290 -16.14 46.59 32.97
CA ILE A 290 -16.47 45.88 31.74
C ILE A 290 -15.34 45.99 30.71
N ARG A 291 -14.50 47.01 30.88
CA ARG A 291 -13.39 47.22 29.95
C ARG A 291 -12.19 46.36 30.33
N GLY A 292 -11.99 46.17 31.63
CA GLY A 292 -10.89 45.36 32.12
C GLY A 292 -11.10 43.88 31.88
N ALA A 293 -12.34 43.49 31.64
CA ALA A 293 -12.67 42.09 31.39
C ALA A 293 -12.34 41.68 29.97
N ILE A 294 -12.31 42.66 29.06
CA ILE A 294 -12.01 42.40 27.66
C ILE A 294 -10.53 42.04 27.47
N TYR A 295 -9.66 42.70 28.24
CA TYR A 295 -8.23 42.48 28.13
C TYR A 295 -7.83 41.04 28.49
N TYR A 296 -8.30 40.57 29.64
CA TYR A 296 -7.98 39.22 30.08
C TYR A 296 -8.76 38.19 29.28
N PHE A 297 -9.84 38.61 28.64
CA PHE A 297 -10.54 37.77 27.67
C PHE A 297 -9.68 37.61 26.43
N LYS A 298 -8.99 38.69 26.07
CA LYS A 298 -8.09 38.69 24.92
C LYS A 298 -6.85 37.85 25.24
N ILE A 299 -6.49 37.80 26.51
CA ILE A 299 -5.38 36.96 26.96
C ILE A 299 -5.73 35.49 26.80
N ALA A 300 -6.93 35.12 27.27
CA ALA A 300 -7.40 33.75 27.19
C ALA A 300 -7.43 33.24 25.76
N VAL A 301 -7.94 34.08 24.85
CA VAL A 301 -7.99 33.74 23.44
C VAL A 301 -6.59 33.62 22.85
N ALA A 302 -5.72 34.57 23.20
CA ALA A 302 -4.34 34.55 22.73
C ALA A 302 -3.56 33.37 23.30
N LEU A 303 -3.88 33.01 24.54
CA LEU A 303 -3.26 31.85 25.17
C LEU A 303 -3.80 30.57 24.55
N ALA A 304 -5.06 30.59 24.14
CA ALA A 304 -5.68 29.47 23.45
C ALA A 304 -4.96 29.22 22.14
N VAL A 305 -4.87 30.27 21.32
CA VAL A 305 -4.19 30.21 20.04
C VAL A 305 -2.76 29.71 20.20
N ALA A 306 -2.09 30.19 21.24
CA ALA A 306 -0.71 29.78 21.52
C ALA A 306 -0.63 28.30 21.89
N ALA A 307 -1.69 27.79 22.53
CA ALA A 307 -1.71 26.42 23.01
C ALA A 307 -2.24 25.44 21.95
N ILE A 308 -3.26 25.88 21.21
CA ILE A 308 -3.87 25.03 20.20
C ILE A 308 -2.91 24.67 19.07
N PRO A 309 -2.70 23.36 18.85
CA PRO A 309 -1.86 22.85 17.76
C PRO A 309 -2.46 23.12 16.38
N GLU A 310 -1.81 23.97 15.60
CA GLU A 310 -2.32 24.31 14.27
C GLU A 310 -1.74 23.39 13.20
N GLY A 311 -0.48 23.00 13.39
CA GLY A 311 0.20 22.15 12.44
C GLY A 311 -0.20 20.69 12.53
N LEU A 312 -0.79 20.31 13.67
CA LEU A 312 -1.17 18.93 13.90
C LEU A 312 -2.11 18.35 12.84
N PRO A 313 -3.18 19.08 12.47
CA PRO A 313 -3.99 18.51 11.39
C PRO A 313 -3.29 18.59 10.02
N ALA A 314 -2.26 19.42 9.92
CA ALA A 314 -1.56 19.61 8.66
C ALA A 314 -0.34 18.71 8.53
N VAL A 315 0.34 18.48 9.65
CA VAL A 315 1.57 17.68 9.63
C VAL A 315 1.26 16.21 9.42
N ILE A 316 0.04 15.80 9.77
CA ILE A 316 -0.38 14.41 9.58
C ILE A 316 -0.75 14.18 8.12
N THR A 317 -1.29 15.22 7.48
CA THR A 317 -1.63 15.15 6.06
C THR A 317 -0.35 15.25 5.23
N THR A 318 0.60 16.04 5.71
CA THR A 318 1.87 16.22 5.05
C THR A 318 2.71 14.94 5.08
N CYS A 319 2.80 14.33 6.26
CA CYS A 319 3.58 13.10 6.43
C CYS A 319 2.99 11.94 5.64
N LEU A 320 1.67 11.87 5.60
CA LEU A 320 0.97 10.84 4.84
C LEU A 320 1.24 11.01 3.35
N ALA A 321 1.11 12.23 2.85
CA ALA A 321 1.36 12.53 1.45
C ALA A 321 2.83 12.29 1.12
N LEU A 322 3.70 12.62 2.07
CA LEU A 322 5.14 12.41 1.88
C LEU A 322 5.46 10.92 1.73
N GLY A 323 4.80 10.09 2.53
CA GLY A 323 4.98 8.67 2.46
C GLY A 323 4.51 8.09 1.14
N THR A 324 3.37 8.59 0.67
CA THR A 324 2.80 8.17 -0.61
C THR A 324 3.76 8.47 -1.76
N ARG A 325 4.38 9.64 -1.73
CA ARG A 325 5.34 10.02 -2.74
C ARG A 325 6.60 9.14 -2.66
N ARG A 326 7.06 8.90 -1.44
CA ARG A 326 8.26 8.10 -1.22
C ARG A 326 8.06 6.64 -1.66
N MET A 327 6.82 6.19 -1.65
CA MET A 327 6.50 4.84 -2.11
C MET A 327 6.36 4.81 -3.62
N ALA A 328 5.80 5.88 -4.18
CA ALA A 328 5.68 6.02 -5.63
C ALA A 328 7.08 6.11 -6.24
N LYS A 329 8.01 6.69 -5.48
CA LYS A 329 9.40 6.77 -5.90
C LYS A 329 9.99 5.37 -6.06
N LYS A 330 9.57 4.47 -5.18
CA LYS A 330 10.04 3.09 -5.20
C LYS A 330 9.08 2.20 -5.98
N ASN A 331 8.35 2.81 -6.91
CA ASN A 331 7.42 2.11 -7.79
C ASN A 331 6.36 1.30 -7.03
N ALA A 332 5.75 1.92 -6.04
CA ALA A 332 4.70 1.28 -5.27
C ALA A 332 3.41 2.10 -5.25
N ILE A 333 2.40 1.61 -5.94
CA ILE A 333 1.09 2.27 -5.98
C ILE A 333 0.36 2.10 -4.66
N VAL A 334 0.22 3.19 -3.92
CA VAL A 334 -0.51 3.17 -2.66
C VAL A 334 -1.99 3.48 -2.91
N ARG A 335 -2.79 2.42 -3.04
CA ARG A 335 -4.21 2.54 -3.36
C ARG A 335 -5.01 3.11 -2.20
N SER A 336 -4.59 2.80 -0.98
CA SER A 336 -5.30 3.27 0.20
C SER A 336 -4.34 3.99 1.16
N LEU A 337 -4.75 5.14 1.66
CA LEU A 337 -3.91 5.97 2.52
C LEU A 337 -3.39 5.30 3.80
N PRO A 338 -4.23 4.47 4.49
CA PRO A 338 -3.69 3.85 5.69
C PRO A 338 -2.72 2.70 5.44
N SER A 339 -2.33 2.47 4.19
CA SER A 339 -1.45 1.37 3.85
C SER A 339 -0.09 1.47 4.53
N VAL A 340 0.55 2.63 4.41
CA VAL A 340 1.88 2.83 4.96
C VAL A 340 1.91 2.72 6.48
N GLU A 341 0.95 3.37 7.15
CA GLU A 341 0.91 3.39 8.61
C GLU A 341 0.59 2.02 9.19
N THR A 342 -0.12 1.20 8.43
CA THR A 342 -0.52 -0.12 8.89
C THR A 342 0.65 -1.10 8.83
N LEU A 343 1.49 -0.95 7.81
CA LEU A 343 2.65 -1.82 7.66
C LEU A 343 3.70 -1.56 8.73
N GLY A 344 3.57 -0.44 9.42
CA GLY A 344 4.44 -0.13 10.55
C GLY A 344 4.06 -1.00 11.75
N CYS A 345 2.78 -1.34 11.84
CA CYS A 345 2.28 -2.14 12.95
C CYS A 345 2.30 -3.63 12.62
N THR A 346 2.58 -3.95 11.37
CA THR A 346 2.55 -5.32 10.88
C THR A 346 3.54 -6.22 11.62
N SER A 347 3.03 -7.33 12.15
CA SER A 347 3.85 -8.28 12.88
C SER A 347 4.02 -9.58 12.10
N VAL A 348 3.05 -9.87 11.23
CA VAL A 348 3.11 -11.07 10.38
C VAL A 348 2.79 -10.73 8.93
N ILE A 349 3.64 -11.20 8.02
CA ILE A 349 3.40 -11.02 6.59
C ILE A 349 3.21 -12.37 5.90
N CYS A 350 1.96 -12.67 5.56
CA CYS A 350 1.64 -13.87 4.78
C CYS A 350 1.87 -13.58 3.30
N SER A 351 2.37 -14.57 2.57
CA SER A 351 2.68 -14.36 1.16
C SER A 351 2.51 -15.60 0.29
N ASP A 352 2.01 -15.39 -0.92
CA ASP A 352 1.90 -16.46 -1.91
C ASP A 352 3.30 -16.79 -2.43
N LYS A 353 3.46 -18.00 -2.97
CA LYS A 353 4.78 -18.43 -3.46
C LYS A 353 4.95 -18.15 -4.95
N THR A 354 4.20 -18.90 -5.76
CA THR A 354 4.32 -18.79 -7.21
C THR A 354 3.87 -17.43 -7.71
N GLY A 355 4.78 -16.71 -8.36
CA GLY A 355 4.46 -15.43 -8.96
C GLY A 355 4.68 -14.27 -8.02
N THR A 356 4.75 -14.56 -6.73
CA THR A 356 4.97 -13.53 -5.73
C THR A 356 6.40 -13.61 -5.21
N LEU A 357 6.71 -14.66 -4.47
CA LEU A 357 8.06 -14.88 -3.97
C LEU A 357 9.01 -15.29 -5.09
N THR A 358 8.44 -15.80 -6.18
CA THR A 358 9.22 -16.19 -7.35
C THR A 358 8.94 -15.27 -8.53
N THR A 359 9.80 -15.33 -9.54
CA THR A 359 9.73 -14.43 -10.67
C THR A 359 8.61 -14.76 -11.65
N ASN A 360 7.99 -15.92 -11.47
CA ASN A 360 6.93 -16.41 -12.34
C ASN A 360 7.41 -16.57 -13.78
N GLN A 361 8.72 -16.73 -13.95
CA GLN A 361 9.31 -16.98 -15.26
C GLN A 361 9.46 -18.48 -15.45
N MET A 362 8.39 -19.12 -15.90
CA MET A 362 8.33 -20.57 -16.00
C MET A 362 9.08 -21.11 -17.21
N SER A 363 9.75 -22.23 -17.03
CA SER A 363 10.40 -22.93 -18.14
C SER A 363 10.63 -24.39 -17.80
N VAL A 364 10.11 -25.28 -18.64
CA VAL A 364 10.27 -26.72 -18.43
C VAL A 364 11.71 -27.14 -18.76
N CYS A 365 12.37 -27.77 -17.80
CA CYS A 365 13.75 -28.19 -17.99
C CYS A 365 13.89 -29.70 -17.84
N LYS A 366 12.90 -30.33 -17.21
CA LYS A 366 12.92 -31.77 -16.99
C LYS A 366 11.57 -32.40 -17.30
N MET A 367 11.59 -33.61 -17.83
CA MET A 367 10.37 -34.38 -18.08
C MET A 367 10.68 -35.87 -18.23
N PHE A 368 9.78 -36.72 -17.76
CA PHE A 368 9.99 -38.15 -17.91
C PHE A 368 8.70 -38.90 -18.26
N ILE A 369 8.87 -39.99 -18.99
CA ILE A 369 7.78 -40.89 -19.31
C ILE A 369 8.16 -42.30 -18.89
N ILE A 370 7.26 -43.24 -19.08
CA ILE A 370 7.54 -44.63 -18.77
C ILE A 370 8.46 -45.23 -19.83
N ASP A 371 9.44 -46.00 -19.39
CA ASP A 371 10.34 -46.69 -20.30
C ASP A 371 10.02 -48.18 -20.36
N LYS A 372 10.16 -48.85 -19.23
CA LYS A 372 9.95 -50.29 -19.14
C LYS A 372 9.36 -50.69 -17.80
N VAL A 373 8.38 -51.59 -17.82
CA VAL A 373 7.73 -52.06 -16.60
C VAL A 373 7.75 -53.58 -16.49
N ASP A 374 8.51 -54.09 -15.52
CA ASP A 374 8.51 -55.51 -15.21
C ASP A 374 7.54 -55.78 -14.06
N GLY A 375 7.67 -56.95 -13.45
CA GLY A 375 6.80 -57.32 -12.35
C GLY A 375 6.99 -56.42 -11.14
N ASP A 376 8.22 -55.99 -10.92
CA ASP A 376 8.55 -55.17 -9.76
C ASP A 376 9.55 -54.09 -10.15
N PHE A 377 9.99 -54.14 -11.41
CA PHE A 377 10.94 -53.17 -11.94
C PHE A 377 10.25 -52.12 -12.79
N CYS A 378 10.68 -50.87 -12.64
CA CYS A 378 10.13 -49.77 -13.41
C CYS A 378 11.21 -48.77 -13.77
N SER A 379 11.36 -48.51 -15.07
CA SER A 379 12.35 -47.55 -15.54
C SER A 379 11.66 -46.38 -16.24
N LEU A 380 12.35 -45.24 -16.29
CA LEU A 380 11.78 -44.03 -16.87
C LEU A 380 12.69 -43.41 -17.91
N ASN A 381 12.09 -42.83 -18.94
CA ASN A 381 12.85 -42.08 -19.93
C ASN A 381 12.82 -40.59 -19.62
N GLU A 382 13.80 -40.14 -18.84
CA GLU A 382 13.89 -38.72 -18.48
C GLU A 382 14.53 -37.92 -19.60
N PHE A 383 14.14 -36.67 -19.73
CA PHE A 383 14.70 -35.78 -20.75
C PHE A 383 15.03 -34.43 -20.15
N SER A 384 15.94 -33.71 -20.81
CA SER A 384 16.31 -32.38 -20.35
C SER A 384 16.02 -31.36 -21.45
N ILE A 385 15.49 -30.20 -21.05
CA ILE A 385 15.18 -29.15 -22.00
C ILE A 385 15.98 -27.90 -21.71
N THR A 386 16.50 -27.27 -22.75
CA THR A 386 17.32 -26.07 -22.61
C THR A 386 16.51 -24.80 -22.93
N GLY A 387 16.83 -23.72 -22.23
CA GLY A 387 16.13 -22.46 -22.41
C GLY A 387 15.38 -22.07 -21.15
N SER A 388 15.64 -20.86 -20.66
CA SER A 388 15.01 -20.40 -19.44
C SER A 388 13.85 -19.43 -19.72
N THR A 389 13.87 -18.81 -20.90
CA THR A 389 12.83 -17.86 -21.27
C THR A 389 11.60 -18.56 -21.84
N TYR A 390 10.76 -17.80 -22.53
CA TYR A 390 9.58 -18.36 -23.19
C TYR A 390 9.80 -18.52 -24.68
N ALA A 391 11.01 -18.28 -25.13
CA ALA A 391 11.33 -18.41 -26.55
C ALA A 391 11.29 -19.88 -26.96
N PRO A 392 10.69 -20.15 -28.13
CA PRO A 392 10.65 -21.52 -28.68
C PRO A 392 12.02 -21.96 -29.19
N GLU A 393 13.05 -21.74 -28.39
CA GLU A 393 14.42 -22.05 -28.76
C GLU A 393 15.09 -22.91 -27.70
N GLY A 394 15.26 -24.19 -28.00
CA GLY A 394 15.85 -25.12 -27.05
C GLY A 394 16.02 -26.51 -27.65
N GLU A 395 16.53 -27.43 -26.83
CA GLU A 395 16.78 -28.80 -27.28
C GLU A 395 16.34 -29.82 -26.22
N VAL A 396 15.80 -30.94 -26.69
CA VAL A 396 15.47 -32.04 -25.80
C VAL A 396 16.66 -32.97 -25.67
N LEU A 397 17.17 -33.12 -24.45
CA LEU A 397 18.40 -33.86 -24.23
C LEU A 397 18.18 -35.19 -23.50
N LYS A 398 18.49 -36.27 -24.18
CA LYS A 398 18.48 -37.60 -23.57
C LYS A 398 19.92 -38.11 -23.50
N ASN A 399 20.45 -38.19 -22.28
CA ASN A 399 21.85 -38.53 -22.05
C ASN A 399 22.80 -37.59 -22.79
N ASP A 400 22.64 -36.30 -22.52
CA ASP A 400 23.49 -35.25 -23.09
C ASP A 400 23.47 -35.22 -24.62
N LYS A 401 22.42 -35.78 -25.22
CA LYS A 401 22.29 -35.79 -26.67
C LYS A 401 20.95 -35.22 -27.12
N PRO A 402 20.99 -34.26 -28.06
CA PRO A 402 19.76 -33.71 -28.64
C PRO A 402 19.00 -34.77 -29.43
N ILE A 403 17.80 -35.10 -28.96
CA ILE A 403 17.01 -36.17 -29.58
C ILE A 403 15.77 -35.64 -30.28
N ARG A 404 15.26 -36.45 -31.21
CA ARG A 404 14.01 -36.14 -31.90
C ARG A 404 12.84 -36.54 -31.01
N SER A 405 11.97 -35.58 -30.71
CA SER A 405 10.85 -35.81 -29.80
C SER A 405 9.89 -36.87 -30.33
N GLY A 406 9.69 -36.88 -31.65
CA GLY A 406 8.77 -37.80 -32.29
C GLY A 406 9.20 -39.26 -32.22
N GLN A 407 10.46 -39.48 -31.83
CA GLN A 407 11.00 -40.84 -31.74
C GLN A 407 10.31 -41.60 -30.61
N PHE A 408 10.01 -40.90 -29.52
CA PHE A 408 9.36 -41.50 -28.37
C PHE A 408 7.86 -41.24 -28.38
N ASP A 409 7.08 -42.31 -28.54
CA ASP A 409 5.63 -42.20 -28.61
C ASP A 409 5.04 -41.59 -27.35
N GLY A 410 5.68 -41.84 -26.22
CA GLY A 410 5.26 -41.27 -24.95
C GLY A 410 5.38 -39.77 -24.93
N LEU A 411 6.34 -39.25 -25.69
CA LEU A 411 6.53 -37.80 -25.79
C LEU A 411 5.52 -37.18 -26.73
N VAL A 412 5.10 -37.95 -27.73
CA VAL A 412 4.07 -37.50 -28.66
C VAL A 412 2.77 -37.22 -27.91
N GLU A 413 2.37 -38.16 -27.07
CA GLU A 413 1.15 -38.01 -26.29
C GLU A 413 1.30 -36.88 -25.27
N LEU A 414 2.50 -36.79 -24.69
CA LEU A 414 2.78 -35.78 -23.68
C LEU A 414 2.68 -34.36 -24.27
N ALA A 415 3.26 -34.17 -25.44
CA ALA A 415 3.19 -32.88 -26.11
C ALA A 415 1.77 -32.57 -26.53
N THR A 416 1.05 -33.61 -26.95
CA THR A 416 -0.34 -33.50 -27.33
C THR A 416 -1.19 -32.97 -26.17
N ILE A 417 -0.94 -33.54 -25.00
CA ILE A 417 -1.64 -33.12 -23.79
C ILE A 417 -1.39 -31.64 -23.47
N CYS A 418 -0.12 -31.24 -23.53
CA CYS A 418 0.27 -29.88 -23.18
C CYS A 418 -0.35 -28.84 -24.10
N ALA A 419 -0.49 -29.16 -25.38
CA ALA A 419 -1.04 -28.22 -26.35
C ALA A 419 -2.57 -28.18 -26.29
N LEU A 420 -3.19 -29.33 -26.06
CA LEU A 420 -4.65 -29.41 -26.06
C LEU A 420 -5.24 -28.98 -24.72
N CYS A 421 -4.68 -29.48 -23.63
CA CYS A 421 -5.13 -29.09 -22.29
C CYS A 421 -4.50 -27.76 -21.88
N ASN A 422 -4.85 -26.70 -22.60
CA ASN A 422 -4.17 -25.43 -22.43
C ASN A 422 -5.04 -24.23 -22.84
N ASP A 423 -5.26 -23.31 -21.91
CA ASP A 423 -6.01 -22.09 -22.19
C ASP A 423 -5.09 -20.93 -22.54
N SER A 424 -3.81 -21.11 -22.25
CA SER A 424 -2.83 -20.06 -22.51
C SER A 424 -2.09 -20.28 -23.82
N SER A 425 -1.52 -19.20 -24.35
CA SER A 425 -0.77 -19.27 -25.58
C SER A 425 0.51 -18.45 -25.47
N LEU A 426 1.16 -18.25 -26.61
CA LEU A 426 2.42 -17.51 -26.66
C LEU A 426 2.36 -16.44 -27.73
N ASP A 427 2.94 -15.28 -27.45
CA ASP A 427 2.95 -14.18 -28.41
C ASP A 427 4.31 -13.48 -28.43
N PHE A 428 4.85 -13.29 -29.63
CA PHE A 428 6.13 -12.62 -29.77
C PHE A 428 5.97 -11.10 -29.84
N ASN A 429 6.73 -10.40 -29.02
CA ASN A 429 6.71 -8.94 -29.01
C ASN A 429 7.72 -8.38 -30.00
N GLU A 430 7.22 -7.69 -31.04
CA GLU A 430 8.09 -7.13 -32.07
C GLU A 430 8.92 -5.96 -31.53
N THR A 431 8.35 -5.22 -30.59
CA THR A 431 9.03 -4.05 -30.02
C THR A 431 10.22 -4.46 -29.16
N LYS A 432 9.97 -5.26 -28.13
CA LYS A 432 11.02 -5.67 -27.20
C LYS A 432 11.87 -6.80 -27.77
N GLY A 433 11.35 -7.48 -28.79
CA GLY A 433 12.06 -8.59 -29.40
C GLY A 433 12.16 -9.79 -28.47
N VAL A 434 11.03 -10.18 -27.88
CA VAL A 434 11.01 -11.27 -26.92
C VAL A 434 9.62 -11.91 -26.86
N TYR A 435 9.57 -13.23 -26.64
CA TYR A 435 8.31 -13.95 -26.56
C TYR A 435 7.61 -13.76 -25.21
N GLU A 436 6.37 -13.29 -25.26
CA GLU A 436 5.61 -13.01 -24.05
C GLU A 436 4.46 -14.00 -23.88
N LYS A 437 4.15 -14.34 -22.63
CA LYS A 437 3.08 -15.28 -22.34
C LYS A 437 1.70 -14.63 -22.50
N VAL A 438 0.72 -15.45 -22.83
CA VAL A 438 -0.66 -14.98 -22.92
C VAL A 438 -1.52 -15.84 -21.99
N GLY A 439 -1.70 -15.37 -20.76
CA GLY A 439 -2.43 -16.12 -19.76
C GLY A 439 -1.53 -16.57 -18.62
N GLU A 440 -1.75 -17.81 -18.18
CA GLU A 440 -1.04 -18.35 -17.03
C GLU A 440 0.38 -18.80 -17.40
N ALA A 441 1.34 -18.50 -16.53
CA ALA A 441 2.75 -18.81 -16.81
C ALA A 441 3.02 -20.30 -16.80
N THR A 442 2.33 -21.02 -15.92
CA THR A 442 2.47 -22.48 -15.85
C THR A 442 2.07 -23.14 -17.16
N GLU A 443 1.00 -22.64 -17.76
CA GLU A 443 0.49 -23.18 -19.01
C GLU A 443 1.35 -22.80 -20.21
N THR A 444 1.83 -21.57 -20.22
CA THR A 444 2.67 -21.09 -21.32
C THR A 444 3.99 -21.84 -21.36
N ALA A 445 4.49 -22.24 -20.18
CA ALA A 445 5.69 -23.04 -20.10
C ALA A 445 5.53 -24.34 -20.88
N LEU A 446 4.30 -24.85 -20.91
CA LEU A 446 4.00 -26.04 -21.69
C LEU A 446 3.94 -25.72 -23.17
N THR A 447 3.47 -24.51 -23.48
CA THR A 447 3.36 -24.07 -24.87
C THR A 447 4.75 -23.96 -25.51
N THR A 448 5.70 -23.41 -24.77
CA THR A 448 7.07 -23.30 -25.26
C THR A 448 7.74 -24.68 -25.35
N LEU A 449 7.35 -25.58 -24.47
CA LEU A 449 7.85 -26.95 -24.50
C LEU A 449 7.41 -27.66 -25.77
N VAL A 450 6.14 -27.50 -26.11
CA VAL A 450 5.59 -28.08 -27.33
C VAL A 450 6.30 -27.56 -28.57
N GLU A 451 6.65 -26.28 -28.55
CA GLU A 451 7.38 -25.67 -29.65
C GLU A 451 8.79 -26.23 -29.76
N LYS A 452 9.43 -26.45 -28.61
CA LYS A 452 10.76 -27.06 -28.60
C LYS A 452 10.64 -28.55 -28.89
N MET A 453 9.53 -29.15 -28.48
CA MET A 453 9.26 -30.55 -28.81
C MET A 453 8.58 -30.65 -30.16
N ASN A 454 9.29 -30.34 -31.22
CA ASN A 454 8.74 -30.46 -32.57
C ASN A 454 8.49 -31.93 -32.87
N VAL A 455 7.39 -32.45 -32.33
CA VAL A 455 7.10 -33.88 -32.38
C VAL A 455 6.85 -34.39 -33.79
N PHE A 456 6.01 -33.67 -34.54
CA PHE A 456 5.66 -34.09 -35.88
C PHE A 456 6.61 -33.52 -36.93
N ASN A 457 7.75 -33.03 -36.47
CA ASN A 457 8.83 -32.56 -37.34
C ASN A 457 8.37 -31.48 -38.32
N THR A 458 7.64 -30.50 -37.80
CA THR A 458 7.10 -29.43 -38.63
C THR A 458 8.19 -28.45 -39.06
N GLU A 459 8.19 -28.08 -40.33
CA GLU A 459 9.13 -27.09 -40.86
C GLU A 459 8.91 -25.73 -40.21
N VAL A 460 9.89 -25.27 -39.44
CA VAL A 460 9.75 -24.01 -38.71
C VAL A 460 10.95 -23.08 -38.88
N ARG A 461 11.96 -23.53 -39.60
CA ARG A 461 13.18 -22.75 -39.76
C ARG A 461 12.98 -21.58 -40.71
N ASN A 462 11.92 -21.64 -41.51
CA ASN A 462 11.62 -20.57 -42.46
C ASN A 462 10.46 -19.70 -42.02
N LEU A 463 10.07 -19.83 -40.75
CA LEU A 463 8.98 -19.05 -40.19
C LEU A 463 9.50 -17.83 -39.44
N SER A 464 8.73 -16.75 -39.46
CA SER A 464 9.10 -15.54 -38.73
C SER A 464 9.02 -15.77 -37.22
N LYS A 465 9.53 -14.82 -36.44
CA LYS A 465 9.52 -14.93 -34.99
C LYS A 465 8.08 -15.03 -34.46
N VAL A 466 7.16 -14.37 -35.14
CA VAL A 466 5.76 -14.41 -34.75
C VAL A 466 5.15 -15.78 -35.01
N GLU A 467 5.35 -16.28 -36.22
CA GLU A 467 4.79 -17.57 -36.63
C GLU A 467 5.43 -18.73 -35.87
N ARG A 468 6.67 -18.53 -35.43
CA ARG A 468 7.41 -19.55 -34.69
C ARG A 468 6.85 -19.75 -33.29
N ALA A 469 6.07 -18.78 -32.81
CA ALA A 469 5.56 -18.79 -31.44
C ALA A 469 4.58 -19.93 -31.16
N ASN A 470 3.65 -20.18 -32.07
CA ASN A 470 2.64 -21.21 -31.88
C ASN A 470 2.51 -22.19 -33.03
N ALA A 471 3.62 -22.39 -33.77
CA ALA A 471 3.61 -23.26 -34.94
C ALA A 471 3.30 -24.71 -34.60
N CYS A 472 4.13 -25.31 -33.76
CA CYS A 472 3.97 -26.73 -33.41
C CYS A 472 2.71 -26.99 -32.58
N ASN A 473 2.30 -26.00 -31.80
CA ASN A 473 1.06 -26.12 -31.02
C ASN A 473 -0.16 -26.20 -31.92
N SER A 474 -0.18 -25.36 -32.96
CA SER A 474 -1.30 -25.32 -33.88
C SER A 474 -1.47 -26.63 -34.63
N VAL A 475 -0.35 -27.31 -34.86
CA VAL A 475 -0.34 -28.60 -35.52
C VAL A 475 -1.15 -29.63 -34.75
N ILE A 476 -0.88 -29.73 -33.45
CA ILE A 476 -1.58 -30.66 -32.58
C ILE A 476 -3.07 -30.32 -32.47
N ARG A 477 -3.38 -29.03 -32.47
CA ARG A 477 -4.77 -28.57 -32.40
C ARG A 477 -5.58 -29.06 -33.60
N GLN A 478 -4.89 -29.26 -34.72
CA GLN A 478 -5.54 -29.71 -35.94
C GLN A 478 -5.65 -31.23 -36.00
N LEU A 479 -5.08 -31.89 -34.99
CA LEU A 479 -5.12 -33.34 -34.92
C LEU A 479 -6.37 -33.82 -34.18
N MET A 480 -6.71 -33.12 -33.10
CA MET A 480 -7.89 -33.44 -32.30
C MET A 480 -8.78 -32.22 -32.13
N LYS A 481 -10.08 -32.42 -32.30
CA LYS A 481 -11.05 -31.35 -32.11
C LYS A 481 -11.39 -31.18 -30.62
N LYS A 482 -11.16 -29.99 -30.09
CA LYS A 482 -11.47 -29.70 -28.69
C LYS A 482 -12.96 -29.45 -28.49
N GLU A 483 -13.65 -30.41 -27.89
CA GLU A 483 -15.07 -30.30 -27.65
C GLU A 483 -15.36 -29.26 -26.57
N PHE A 484 -14.84 -29.50 -25.37
CA PHE A 484 -15.00 -28.57 -24.26
C PHE A 484 -13.89 -28.74 -23.23
N THR A 485 -13.76 -27.79 -22.32
CA THR A 485 -12.72 -27.85 -21.30
C THR A 485 -13.31 -27.80 -19.90
N LEU A 486 -12.76 -28.61 -19.00
CA LEU A 486 -13.11 -28.54 -17.59
C LEU A 486 -12.05 -27.74 -16.85
N GLU A 487 -12.36 -26.46 -16.59
CA GLU A 487 -11.39 -25.50 -16.06
C GLU A 487 -10.65 -25.99 -14.83
N PHE A 488 -9.46 -25.44 -14.63
CA PHE A 488 -8.64 -25.76 -13.48
C PHE A 488 -9.30 -25.28 -12.20
N SER A 489 -9.54 -26.21 -11.27
CA SER A 489 -10.11 -25.87 -9.97
C SER A 489 -9.14 -26.29 -8.87
N ARG A 490 -8.95 -25.43 -7.88
CA ARG A 490 -7.92 -25.65 -6.88
C ARG A 490 -8.30 -26.66 -5.79
N ASP A 491 -9.56 -27.11 -5.81
CA ASP A 491 -9.96 -28.18 -4.89
C ASP A 491 -9.53 -29.52 -5.48
N ARG A 492 -9.68 -29.62 -6.80
CA ARG A 492 -9.33 -30.81 -7.55
C ARG A 492 -7.87 -30.73 -7.99
N LYS A 493 -7.38 -29.51 -8.13
CA LYS A 493 -6.01 -29.21 -8.54
C LYS A 493 -5.65 -29.91 -9.86
N SER A 494 -6.55 -29.83 -10.83
CA SER A 494 -6.27 -30.34 -12.17
C SER A 494 -7.22 -29.70 -13.18
N MET A 495 -6.86 -29.84 -14.45
CA MET A 495 -7.64 -29.30 -15.55
C MET A 495 -7.78 -30.37 -16.63
N SER A 496 -8.96 -30.44 -17.24
CA SER A 496 -9.23 -31.44 -18.26
C SER A 496 -9.77 -30.84 -19.54
N VAL A 497 -9.54 -31.52 -20.66
CA VAL A 497 -10.07 -31.10 -21.95
C VAL A 497 -10.60 -32.31 -22.73
N TYR A 498 -11.88 -32.26 -23.10
CA TYR A 498 -12.51 -33.33 -23.87
C TYR A 498 -12.25 -33.15 -25.36
N CYS A 499 -11.71 -34.18 -26.00
CA CYS A 499 -11.36 -34.08 -27.42
C CYS A 499 -11.86 -35.24 -28.26
N SER A 500 -12.17 -34.94 -29.52
CA SER A 500 -12.60 -35.94 -30.49
C SER A 500 -11.69 -35.88 -31.71
N PRO A 501 -11.53 -37.01 -32.41
CA PRO A 501 -10.68 -37.03 -33.61
C PRO A 501 -11.19 -36.10 -34.70
N ALA A 502 -10.28 -35.62 -35.54
CA ALA A 502 -10.64 -34.67 -36.60
C ALA A 502 -11.06 -35.38 -37.88
N LYS A 503 -11.48 -36.63 -37.75
CA LYS A 503 -11.91 -37.44 -38.89
C LYS A 503 -10.82 -37.53 -39.96
N SER A 504 -9.66 -38.05 -39.57
CA SER A 504 -8.54 -38.17 -40.50
C SER A 504 -7.66 -39.38 -40.18
N SER A 505 -6.79 -39.23 -39.18
CA SER A 505 -5.86 -40.29 -38.81
C SER A 505 -6.33 -41.07 -37.59
N ARG A 506 -6.57 -40.36 -36.49
CA ARG A 506 -6.99 -40.99 -35.24
C ARG A 506 -8.51 -41.14 -35.16
N ALA A 507 -9.16 -41.17 -36.31
CA ALA A 507 -10.62 -41.26 -36.38
C ALA A 507 -11.13 -42.63 -35.96
N ALA A 508 -10.30 -43.65 -36.15
CA ALA A 508 -10.70 -45.02 -35.84
C ALA A 508 -10.31 -45.41 -34.41
N VAL A 509 -10.37 -44.45 -33.50
CA VAL A 509 -10.04 -44.71 -32.10
C VAL A 509 -11.21 -44.34 -31.19
N GLY A 510 -11.56 -43.05 -31.18
CA GLY A 510 -12.65 -42.56 -30.34
C GLY A 510 -12.26 -41.30 -29.59
N ASN A 511 -13.12 -40.88 -28.68
CA ASN A 511 -12.88 -39.67 -27.92
C ASN A 511 -11.87 -39.87 -26.81
N LYS A 512 -11.25 -38.77 -26.38
CA LYS A 512 -10.26 -38.80 -25.31
C LYS A 512 -10.42 -37.59 -24.39
N MET A 513 -9.92 -37.70 -23.16
CA MET A 513 -9.81 -36.57 -22.26
C MET A 513 -8.37 -36.41 -21.82
N PHE A 514 -7.82 -35.22 -21.99
CA PHE A 514 -6.41 -34.99 -21.63
C PHE A 514 -6.31 -34.19 -20.33
N VAL A 515 -6.00 -34.90 -19.25
CA VAL A 515 -5.94 -34.32 -17.92
C VAL A 515 -4.55 -33.78 -17.60
N LYS A 516 -4.52 -32.69 -16.85
CA LYS A 516 -3.27 -32.05 -16.44
C LYS A 516 -3.45 -31.40 -15.07
N GLY A 517 -2.58 -31.71 -14.13
CA GLY A 517 -2.69 -31.14 -12.80
C GLY A 517 -1.60 -31.56 -11.83
N ALA A 518 -1.85 -31.32 -10.54
CA ALA A 518 -0.90 -31.69 -9.51
C ALA A 518 -0.71 -33.20 -9.47
N PRO A 519 0.56 -33.64 -9.39
CA PRO A 519 0.95 -35.06 -9.42
C PRO A 519 0.17 -35.94 -8.44
N GLU A 520 -0.08 -35.45 -7.23
CA GLU A 520 -0.79 -36.24 -6.22
C GLU A 520 -2.15 -36.71 -6.73
N GLY A 521 -3.02 -35.76 -7.07
CA GLY A 521 -4.37 -36.07 -7.51
C GLY A 521 -4.45 -36.83 -8.82
N VAL A 522 -3.72 -36.37 -9.83
CA VAL A 522 -3.74 -37.00 -11.14
C VAL A 522 -3.32 -38.46 -11.08
N ILE A 523 -2.20 -38.73 -10.43
CA ILE A 523 -1.67 -40.09 -10.34
C ILE A 523 -2.59 -41.02 -9.53
N ASP A 524 -3.21 -40.49 -8.48
CA ASP A 524 -4.16 -41.26 -7.69
C ASP A 524 -5.37 -41.66 -8.52
N ARG A 525 -5.65 -40.87 -9.56
CA ARG A 525 -6.79 -41.15 -10.43
C ARG A 525 -6.36 -41.91 -11.69
N CYS A 526 -5.14 -42.41 -11.68
CA CYS A 526 -4.64 -43.23 -12.79
C CYS A 526 -4.74 -44.71 -12.46
N ASN A 527 -5.40 -45.46 -13.34
CA ASN A 527 -5.50 -46.92 -13.18
C ASN A 527 -4.54 -47.65 -14.11
N TYR A 528 -3.91 -46.92 -15.01
CA TYR A 528 -2.94 -47.50 -15.94
C TYR A 528 -1.76 -46.56 -16.18
N VAL A 529 -0.77 -47.04 -16.92
CA VAL A 529 0.35 -46.21 -17.35
C VAL A 529 0.68 -46.49 -18.82
N ARG A 530 0.98 -45.44 -19.58
CA ARG A 530 1.30 -45.59 -20.99
C ARG A 530 2.76 -45.95 -21.19
N VAL A 531 3.00 -47.08 -21.85
CA VAL A 531 4.36 -47.43 -22.25
C VAL A 531 4.46 -47.31 -23.78
N GLY A 532 4.84 -46.12 -24.23
CA GLY A 532 4.87 -45.82 -25.65
C GLY A 532 3.46 -45.65 -26.17
N THR A 533 2.94 -46.67 -26.84
CA THR A 533 1.56 -46.67 -27.30
C THR A 533 0.74 -47.71 -26.56
N THR A 534 1.43 -48.61 -25.87
CA THR A 534 0.77 -49.67 -25.12
C THR A 534 0.21 -49.16 -23.80
N ARG A 535 -0.42 -50.05 -23.05
CA ARG A 535 -1.00 -49.69 -21.76
C ARG A 535 -0.90 -50.86 -20.78
N VAL A 536 -0.40 -50.59 -19.59
CA VAL A 536 -0.35 -51.61 -18.55
C VAL A 536 -0.91 -51.06 -17.23
N PRO A 537 -1.57 -51.93 -16.45
CA PRO A 537 -2.23 -51.52 -15.21
C PRO A 537 -1.28 -50.85 -14.21
N MET A 538 -1.76 -49.80 -13.55
CA MET A 538 -1.01 -49.13 -12.50
C MET A 538 -0.82 -50.06 -11.32
N THR A 539 0.42 -50.19 -10.85
CA THR A 539 0.71 -51.06 -9.71
C THR A 539 1.45 -50.30 -8.62
N GLY A 540 1.88 -51.03 -7.60
CA GLY A 540 2.63 -50.47 -6.50
C GLY A 540 3.97 -49.89 -6.90
N PRO A 541 4.92 -50.75 -7.33
CA PRO A 541 6.27 -50.34 -7.72
C PRO A 541 6.30 -49.21 -8.75
N VAL A 542 5.38 -49.24 -9.71
CA VAL A 542 5.31 -48.20 -10.73
C VAL A 542 4.95 -46.86 -10.12
N LYS A 543 3.89 -46.83 -9.31
CA LYS A 543 3.43 -45.63 -8.64
C LYS A 543 4.52 -45.04 -7.75
N GLU A 544 5.25 -45.92 -7.07
CA GLU A 544 6.32 -45.50 -6.17
C GLU A 544 7.48 -44.88 -6.95
N LYS A 545 7.82 -45.49 -8.08
CA LYS A 545 8.92 -45.00 -8.91
C LYS A 545 8.59 -43.62 -9.46
N ILE A 546 7.35 -43.43 -9.88
CA ILE A 546 6.92 -42.14 -10.41
C ILE A 546 7.11 -41.04 -9.37
N LEU A 547 6.50 -41.24 -8.20
CA LEU A 547 6.52 -40.25 -7.13
C LEU A 547 7.93 -39.94 -6.62
N SER A 548 8.83 -40.92 -6.74
CA SER A 548 10.20 -40.75 -6.26
C SER A 548 10.94 -39.70 -7.06
N VAL A 549 10.63 -39.59 -8.34
CA VAL A 549 11.27 -38.62 -9.21
C VAL A 549 10.63 -37.25 -9.03
N ILE A 550 9.34 -37.24 -8.68
CA ILE A 550 8.65 -35.99 -8.35
C ILE A 550 9.32 -35.32 -7.16
N LYS A 551 9.57 -36.13 -6.13
CA LYS A 551 10.19 -35.66 -4.90
C LYS A 551 11.61 -35.17 -5.16
N GLU A 552 12.32 -35.86 -6.04
CA GLU A 552 13.68 -35.49 -6.41
C GLU A 552 13.74 -34.09 -6.99
N TRP A 553 13.04 -33.91 -8.11
CA TRP A 553 13.03 -32.63 -8.81
C TRP A 553 12.43 -31.51 -7.94
N GLY A 554 11.42 -31.87 -7.16
CA GLY A 554 10.73 -30.90 -6.33
C GLY A 554 11.55 -30.37 -5.16
N THR A 555 12.21 -31.27 -4.44
CA THR A 555 13.01 -30.89 -3.29
C THR A 555 14.48 -30.71 -3.66
N GLY A 556 14.79 -30.83 -4.94
CA GLY A 556 16.15 -30.67 -5.42
C GLY A 556 16.66 -29.25 -5.31
N ARG A 557 17.88 -29.02 -5.78
CA ARG A 557 18.50 -27.70 -5.69
C ARG A 557 17.86 -26.72 -6.68
N ASP A 558 17.12 -27.24 -7.64
CA ASP A 558 16.40 -26.40 -8.59
C ASP A 558 14.99 -26.12 -8.10
N THR A 559 14.50 -26.94 -7.18
CA THR A 559 13.14 -26.85 -6.65
C THR A 559 12.12 -26.71 -7.78
N LEU A 560 11.95 -27.80 -8.54
CA LEU A 560 11.11 -27.77 -9.73
C LEU A 560 9.63 -27.85 -9.40
N ARG A 561 8.84 -27.04 -10.09
CA ARG A 561 7.38 -27.09 -10.02
C ARG A 561 6.87 -28.19 -10.94
N CYS A 562 6.44 -29.29 -10.36
CA CYS A 562 6.09 -30.48 -11.14
C CYS A 562 4.60 -30.58 -11.47
N LEU A 563 4.31 -31.24 -12.59
CA LEU A 563 2.95 -31.32 -13.12
C LEU A 563 2.74 -32.66 -13.83
N ALA A 564 1.67 -33.37 -13.48
CA ALA A 564 1.41 -34.69 -14.06
C ALA A 564 0.48 -34.61 -15.28
N LEU A 565 0.72 -35.49 -16.25
CA LEU A 565 -0.08 -35.51 -17.48
C LEU A 565 -0.64 -36.90 -17.73
N ALA A 566 -1.96 -37.00 -17.83
CA ALA A 566 -2.63 -38.28 -18.06
C ALA A 566 -3.76 -38.14 -19.06
N THR A 567 -4.31 -39.26 -19.51
CA THR A 567 -5.43 -39.17 -20.42
C THR A 567 -6.42 -40.23 -20.11
N ARG A 568 -7.67 -39.99 -20.43
CA ARG A 568 -8.70 -40.98 -20.19
C ARG A 568 -8.98 -41.58 -21.51
N ASP A 569 -8.55 -42.81 -21.69
CA ASP A 569 -8.71 -43.47 -22.95
C ASP A 569 -10.15 -43.68 -23.31
N THR A 570 -10.95 -44.03 -22.33
CA THR A 570 -12.37 -44.26 -22.55
C THR A 570 -13.22 -43.34 -21.68
N PRO A 571 -13.45 -42.11 -22.15
CA PRO A 571 -14.25 -41.13 -21.40
C PRO A 571 -15.72 -41.52 -21.35
N PRO A 572 -16.48 -40.96 -20.39
CA PRO A 572 -17.93 -41.18 -20.35
C PRO A 572 -18.59 -40.59 -21.59
N LYS A 573 -19.84 -40.97 -21.85
CA LYS A 573 -20.59 -40.39 -22.97
C LYS A 573 -20.76 -38.90 -22.76
N ARG A 574 -20.67 -38.13 -23.85
CA ARG A 574 -20.71 -36.69 -23.78
C ARG A 574 -22.04 -36.19 -23.20
N GLU A 575 -23.09 -36.97 -23.40
CA GLU A 575 -24.42 -36.63 -22.91
C GLU A 575 -24.62 -37.12 -21.47
N GLU A 576 -23.64 -37.85 -20.95
CA GLU A 576 -23.71 -38.37 -19.59
C GLU A 576 -22.86 -37.56 -18.62
N MET A 577 -22.51 -36.34 -19.03
CA MET A 577 -21.72 -35.45 -18.20
C MET A 577 -22.38 -34.08 -18.06
N VAL A 578 -22.68 -33.70 -16.81
CA VAL A 578 -23.29 -32.40 -16.54
C VAL A 578 -22.21 -31.37 -16.23
N LEU A 579 -22.28 -30.22 -16.92
CA LEU A 579 -21.26 -29.19 -16.80
C LEU A 579 -21.72 -27.99 -15.98
N ASP A 580 -22.66 -28.22 -15.05
CA ASP A 580 -23.19 -27.13 -14.24
C ASP A 580 -22.40 -26.97 -12.94
N ASP A 581 -21.94 -28.09 -12.39
CA ASP A 581 -21.19 -28.07 -11.14
C ASP A 581 -19.79 -28.63 -11.36
N SER A 582 -18.79 -27.87 -10.91
CA SER A 582 -17.40 -28.29 -11.08
C SER A 582 -17.02 -29.39 -10.08
N SER A 583 -17.93 -29.70 -9.16
CA SER A 583 -17.68 -30.73 -8.17
C SER A 583 -17.70 -32.11 -8.81
N ARG A 584 -18.39 -32.23 -9.95
CA ARG A 584 -18.48 -33.50 -10.66
C ARG A 584 -17.33 -33.67 -11.65
N PHE A 585 -16.50 -32.63 -11.79
CA PHE A 585 -15.43 -32.64 -12.78
C PHE A 585 -14.34 -33.65 -12.45
N MET A 586 -14.06 -33.81 -11.16
CA MET A 586 -13.02 -34.74 -10.73
C MET A 586 -13.40 -36.18 -11.08
N GLU A 587 -14.67 -36.52 -10.89
CA GLU A 587 -15.15 -37.86 -11.21
C GLU A 587 -15.02 -38.14 -12.70
N TYR A 588 -15.11 -37.09 -13.50
CA TYR A 588 -14.93 -37.23 -14.94
C TYR A 588 -13.46 -37.45 -15.28
N GLU A 589 -12.59 -37.06 -14.35
CA GLU A 589 -11.16 -37.25 -14.52
C GLU A 589 -10.66 -38.46 -13.73
N THR A 590 -11.46 -39.51 -13.70
CA THR A 590 -11.07 -40.75 -13.04
C THR A 590 -10.68 -41.80 -14.07
N ASP A 591 -10.18 -42.94 -13.60
CA ASP A 591 -9.75 -44.02 -14.47
C ASP A 591 -8.78 -43.53 -15.53
N LEU A 592 -7.83 -42.70 -15.09
CA LEU A 592 -6.87 -42.11 -16.01
C LEU A 592 -5.74 -43.06 -16.36
N THR A 593 -4.95 -42.68 -17.36
CA THR A 593 -3.76 -43.42 -17.72
C THR A 593 -2.58 -42.46 -17.75
N PHE A 594 -1.60 -42.72 -16.87
CA PHE A 594 -0.44 -41.84 -16.73
C PHE A 594 0.39 -41.79 -18.01
N VAL A 595 0.76 -40.57 -18.41
CA VAL A 595 1.56 -40.40 -19.62
C VAL A 595 2.95 -39.86 -19.28
N GLY A 596 3.00 -38.81 -18.48
CA GLY A 596 4.28 -38.24 -18.08
C GLY A 596 4.23 -37.09 -17.09
N VAL A 597 5.39 -36.61 -16.70
CA VAL A 597 5.50 -35.50 -15.75
C VAL A 597 6.51 -34.47 -16.22
N VAL A 598 6.11 -33.20 -16.26
CA VAL A 598 7.04 -32.11 -16.55
C VAL A 598 7.43 -31.38 -15.27
N GLY A 599 8.68 -30.93 -15.22
CA GLY A 599 9.17 -30.17 -14.08
C GLY A 599 9.78 -28.86 -14.53
N MET A 600 9.16 -27.76 -14.11
CA MET A 600 9.60 -26.44 -14.56
C MET A 600 10.22 -25.62 -13.43
N LEU A 601 11.32 -24.94 -13.72
CA LEU A 601 11.98 -24.13 -12.71
C LEU A 601 11.34 -22.75 -12.61
N ASP A 602 11.28 -22.24 -11.39
CA ASP A 602 10.67 -20.96 -11.12
C ASP A 602 11.50 -20.24 -10.06
N PRO A 603 12.55 -19.54 -10.51
CA PRO A 603 13.55 -18.90 -9.64
C PRO A 603 12.95 -17.83 -8.74
N PRO A 604 13.26 -17.90 -7.43
CA PRO A 604 12.82 -16.90 -6.45
C PRO A 604 13.45 -15.54 -6.71
N ARG A 605 12.73 -14.47 -6.40
CA ARG A 605 13.25 -13.12 -6.60
C ARG A 605 14.44 -12.87 -5.69
N LYS A 606 15.43 -12.16 -6.20
CA LYS A 606 16.70 -11.96 -5.50
C LYS A 606 16.54 -11.14 -4.23
N GLU A 607 15.54 -10.27 -4.21
CA GLU A 607 15.35 -9.35 -3.09
C GLU A 607 14.49 -9.95 -1.99
N VAL A 608 14.15 -11.22 -2.11
CA VAL A 608 13.27 -11.87 -1.13
C VAL A 608 14.01 -12.31 0.12
N MET A 609 15.10 -13.06 -0.07
CA MET A 609 15.87 -13.60 1.04
C MET A 609 16.35 -12.51 1.99
N GLY A 610 16.82 -11.40 1.42
CA GLY A 610 17.25 -10.26 2.21
C GLY A 610 16.10 -9.62 2.94
N SER A 611 14.96 -9.53 2.27
CA SER A 611 13.77 -8.90 2.84
C SER A 611 13.27 -9.65 4.06
N ILE A 612 13.23 -10.97 3.97
CA ILE A 612 12.77 -11.81 5.07
C ILE A 612 13.66 -11.65 6.29
N GLN A 613 14.97 -11.55 6.05
CA GLN A 613 15.93 -11.35 7.13
C GLN A 613 15.73 -9.98 7.77
N LEU A 614 15.42 -8.98 6.95
CA LEU A 614 15.16 -7.63 7.43
C LEU A 614 13.85 -7.59 8.22
N CYS A 615 12.89 -8.41 7.80
CA CYS A 615 11.62 -8.53 8.52
C CYS A 615 11.85 -9.20 9.86
N ARG A 616 12.74 -10.17 9.88
CA ARG A 616 13.07 -10.92 11.10
C ARG A 616 13.74 -10.01 12.12
N ASP A 617 14.52 -9.05 11.64
CA ASP A 617 15.19 -8.09 12.52
C ASP A 617 14.18 -7.10 13.12
N ALA A 618 13.12 -6.82 12.38
CA ALA A 618 12.09 -5.90 12.84
C ALA A 618 11.03 -6.63 13.66
N GLY A 619 11.24 -7.93 13.86
CA GLY A 619 10.30 -8.73 14.63
C GLY A 619 9.05 -9.07 13.85
N ILE A 620 9.22 -9.34 12.56
CA ILE A 620 8.10 -9.65 11.69
C ILE A 620 8.25 -11.04 11.06
N ARG A 621 7.25 -11.88 11.26
CA ARG A 621 7.26 -13.23 10.68
C ARG A 621 6.85 -13.22 9.22
N VAL A 622 7.43 -14.14 8.45
CA VAL A 622 7.07 -14.30 7.05
C VAL A 622 6.56 -15.71 6.79
N ILE A 623 5.26 -15.83 6.53
CA ILE A 623 4.63 -17.12 6.32
C ILE A 623 4.31 -17.35 4.85
N MET A 624 4.76 -18.48 4.30
CA MET A 624 4.42 -18.84 2.93
C MET A 624 3.12 -19.64 2.90
N ILE A 625 2.17 -19.17 2.11
CA ILE A 625 0.93 -19.91 1.90
C ILE A 625 0.77 -20.16 0.41
N THR A 626 0.93 -21.43 0.01
CA THR A 626 0.86 -21.78 -1.41
C THR A 626 -0.02 -22.99 -1.66
N GLY A 627 -0.41 -23.17 -2.92
CA GLY A 627 -1.18 -24.33 -3.32
C GLY A 627 -0.29 -25.38 -3.95
N ASP A 628 1.01 -25.12 -3.93
CA ASP A 628 1.99 -26.01 -4.56
C ASP A 628 2.35 -27.18 -3.66
N ASN A 629 3.26 -28.02 -4.14
CA ASN A 629 3.69 -29.19 -3.40
C ASN A 629 4.43 -28.81 -2.12
N LYS A 630 4.24 -29.58 -1.06
CA LYS A 630 4.85 -29.30 0.22
C LYS A 630 6.37 -29.43 0.14
N GLY A 631 6.83 -30.41 -0.61
CA GLY A 631 8.25 -30.64 -0.78
C GLY A 631 8.93 -29.47 -1.46
N THR A 632 8.30 -28.96 -2.51
CA THR A 632 8.81 -27.78 -3.21
C THR A 632 8.71 -26.56 -2.33
N ALA A 633 7.59 -26.43 -1.62
CA ALA A 633 7.33 -25.27 -0.78
C ALA A 633 8.38 -25.13 0.33
N ILE A 634 8.69 -26.23 1.00
CA ILE A 634 9.70 -26.22 2.04
C ILE A 634 11.08 -25.94 1.46
N ALA A 635 11.38 -26.58 0.34
CA ALA A 635 12.67 -26.42 -0.33
C ALA A 635 12.95 -24.97 -0.69
N ILE A 636 11.90 -24.26 -1.12
CA ILE A 636 12.02 -22.85 -1.49
C ILE A 636 12.13 -21.97 -0.25
N CYS A 637 11.42 -22.36 0.81
CA CYS A 637 11.50 -21.66 2.08
C CYS A 637 12.93 -21.63 2.61
N ARG A 638 13.63 -22.74 2.42
CA ARG A 638 15.02 -22.84 2.83
C ARG A 638 15.90 -21.92 1.98
N ARG A 639 15.55 -21.80 0.70
CA ARG A 639 16.32 -21.00 -0.23
C ARG A 639 16.13 -19.50 -0.01
N ILE A 640 15.03 -19.12 0.63
CA ILE A 640 14.73 -17.71 0.85
C ILE A 640 14.89 -17.31 2.31
N GLY A 641 15.21 -18.28 3.16
CA GLY A 641 15.55 -18.00 4.54
C GLY A 641 14.44 -18.18 5.57
N ILE A 642 13.27 -18.60 5.12
CA ILE A 642 12.16 -18.85 6.03
C ILE A 642 12.52 -20.02 6.95
N PHE A 643 13.16 -21.04 6.38
CA PHE A 643 13.62 -22.18 7.16
C PHE A 643 15.14 -22.33 7.05
N GLY A 644 15.73 -23.04 8.01
CA GLY A 644 17.14 -23.36 7.95
C GLY A 644 17.39 -24.45 6.92
N GLU A 645 18.62 -24.54 6.43
CA GLU A 645 18.96 -25.55 5.43
C GLU A 645 18.87 -26.96 5.99
N ASN A 646 18.97 -27.08 7.31
CA ASN A 646 18.90 -28.39 7.96
C ASN A 646 17.90 -28.41 9.12
N GLU A 647 17.12 -27.34 9.22
CA GLU A 647 16.13 -27.22 10.29
C GLU A 647 15.00 -28.25 10.13
N GLU A 648 14.63 -28.89 11.24
CA GLU A 648 13.49 -29.80 11.24
C GLU A 648 12.19 -29.00 11.20
N VAL A 649 11.37 -29.26 10.18
CA VAL A 649 10.18 -28.46 9.95
C VAL A 649 8.90 -29.27 10.03
N ALA A 650 8.96 -30.43 10.69
CA ALA A 650 7.80 -31.31 10.81
C ALA A 650 6.69 -30.67 11.63
N ASP A 651 7.06 -29.72 12.48
CA ASP A 651 6.11 -29.06 13.36
C ASP A 651 5.81 -27.64 12.88
N ARG A 652 6.48 -27.23 11.81
CA ARG A 652 6.34 -25.86 11.32
C ARG A 652 5.91 -25.82 9.85
N ALA A 653 5.44 -26.95 9.33
CA ALA A 653 4.98 -27.01 7.95
C ALA A 653 3.84 -28.00 7.80
N TYR A 654 2.73 -27.52 7.23
CA TYR A 654 1.54 -28.35 7.07
C TYR A 654 0.98 -28.26 5.65
N THR A 655 0.28 -29.30 5.23
CA THR A 655 -0.52 -29.23 4.01
C THR A 655 -1.92 -28.80 4.40
N GLY A 656 -2.74 -28.51 3.39
CA GLY A 656 -4.13 -28.17 3.65
C GLY A 656 -4.85 -29.33 4.30
N ARG A 657 -4.49 -30.55 3.88
CA ARG A 657 -5.10 -31.75 4.41
C ARG A 657 -4.72 -31.95 5.88
N GLU A 658 -3.42 -31.86 6.17
CA GLU A 658 -2.91 -32.00 7.53
C GLU A 658 -3.47 -30.90 8.44
N PHE A 659 -3.62 -29.70 7.88
CA PHE A 659 -4.13 -28.56 8.62
C PHE A 659 -5.60 -28.75 8.97
N ASP A 660 -6.34 -29.41 8.09
CA ASP A 660 -7.75 -29.66 8.32
C ASP A 660 -7.98 -30.81 9.30
N ASP A 661 -7.04 -31.74 9.36
CA ASP A 661 -7.13 -32.85 10.30
C ASP A 661 -6.97 -32.39 11.74
N LEU A 662 -6.36 -31.22 11.92
CA LEU A 662 -6.19 -30.64 13.25
C LEU A 662 -7.50 -30.06 13.76
N PRO A 663 -7.73 -30.16 15.08
CA PRO A 663 -8.88 -29.49 15.70
C PRO A 663 -8.78 -27.99 15.50
N LEU A 664 -9.90 -27.28 15.56
CA LEU A 664 -9.93 -25.85 15.31
C LEU A 664 -8.98 -25.09 16.24
N ALA A 665 -8.92 -25.52 17.50
CA ALA A 665 -8.05 -24.91 18.48
C ALA A 665 -6.59 -25.14 18.13
N GLU A 666 -6.31 -26.30 17.53
CA GLU A 666 -4.96 -26.66 17.16
C GLU A 666 -4.56 -26.01 15.84
N GLN A 667 -5.55 -25.70 15.02
CA GLN A 667 -5.30 -25.00 13.76
C GLN A 667 -4.87 -23.56 14.04
N ARG A 668 -5.51 -22.95 15.02
CA ARG A 668 -5.18 -21.61 15.46
C ARG A 668 -3.76 -21.55 16.03
N GLU A 669 -3.41 -22.59 16.79
CA GLU A 669 -2.10 -22.68 17.42
C GLU A 669 -1.02 -22.91 16.37
N ALA A 670 -1.39 -23.58 15.28
CA ALA A 670 -0.43 -23.93 14.24
C ALA A 670 -0.04 -22.72 13.41
N CYS A 671 -0.89 -21.70 13.39
CA CYS A 671 -0.66 -20.54 12.55
C CYS A 671 0.42 -19.63 13.13
N ARG A 672 0.56 -19.62 14.44
CA ARG A 672 1.61 -18.85 15.08
C ARG A 672 2.89 -19.67 15.23
N ARG A 673 2.81 -20.94 14.80
CA ARG A 673 3.96 -21.83 14.87
C ARG A 673 4.55 -22.08 13.49
N ALA A 674 3.72 -22.53 12.56
CA ALA A 674 4.16 -22.87 11.21
C ALA A 674 4.42 -21.63 10.37
N CYS A 675 5.31 -21.78 9.39
CA CYS A 675 5.66 -20.68 8.50
C CYS A 675 5.45 -21.07 7.03
N CYS A 676 5.05 -22.31 6.80
CA CYS A 676 4.87 -22.83 5.46
C CYS A 676 3.61 -23.68 5.34
N PHE A 677 2.68 -23.24 4.50
CA PHE A 677 1.47 -23.99 4.21
C PHE A 677 1.37 -24.27 2.72
N ALA A 678 1.28 -25.54 2.35
CA ALA A 678 1.27 -25.92 0.95
C ALA A 678 0.06 -26.78 0.61
N ARG A 679 -0.22 -26.92 -0.69
CA ARG A 679 -1.38 -27.64 -1.18
C ARG A 679 -2.64 -27.09 -0.50
N VAL A 680 -2.76 -25.77 -0.53
CA VAL A 680 -3.78 -25.05 0.21
C VAL A 680 -4.82 -24.42 -0.72
N GLU A 681 -6.08 -24.46 -0.30
CA GLU A 681 -7.17 -23.85 -1.06
C GLU A 681 -7.33 -22.38 -0.66
N PRO A 682 -7.92 -21.55 -1.54
CA PRO A 682 -8.14 -20.12 -1.25
C PRO A 682 -8.83 -19.87 0.09
N SER A 683 -9.64 -20.83 0.54
CA SER A 683 -10.30 -20.73 1.84
C SER A 683 -9.30 -20.78 2.98
N HIS A 684 -8.27 -21.61 2.81
CA HIS A 684 -7.23 -21.76 3.83
C HIS A 684 -6.42 -20.48 4.03
N LYS A 685 -6.13 -19.78 2.94
CA LYS A 685 -5.31 -18.57 3.01
C LYS A 685 -5.94 -17.51 3.89
N SER A 686 -7.24 -17.27 3.71
CA SER A 686 -7.96 -16.32 4.54
C SER A 686 -8.11 -16.86 5.96
N LYS A 687 -8.34 -18.16 6.07
CA LYS A 687 -8.50 -18.82 7.37
C LYS A 687 -7.25 -18.69 8.23
N ILE A 688 -6.08 -18.79 7.59
CA ILE A 688 -4.82 -18.64 8.29
C ILE A 688 -4.65 -17.20 8.76
N VAL A 689 -4.92 -16.26 7.87
CA VAL A 689 -4.85 -14.84 8.19
C VAL A 689 -5.79 -14.50 9.35
N GLU A 690 -7.03 -14.96 9.25
CA GLU A 690 -8.03 -14.74 10.29
C GLU A 690 -7.58 -15.31 11.63
N TYR A 691 -6.88 -16.45 11.59
CA TYR A 691 -6.35 -17.08 12.80
C TYR A 691 -5.32 -16.19 13.48
N LEU A 692 -4.46 -15.56 12.69
CA LEU A 692 -3.43 -14.67 13.22
C LEU A 692 -4.04 -13.40 13.80
N GLN A 693 -5.16 -12.99 13.22
CA GLN A 693 -5.86 -11.79 13.67
C GLN A 693 -6.61 -12.05 14.98
N SER A 694 -6.80 -13.33 15.30
CA SER A 694 -7.45 -13.71 16.55
C SER A 694 -6.51 -13.47 17.73
N TYR A 695 -5.22 -13.36 17.44
CA TYR A 695 -4.23 -13.01 18.44
C TYR A 695 -3.93 -11.52 18.39
N ASP A 696 -4.85 -10.77 17.78
CA ASP A 696 -4.74 -9.31 17.65
C ASP A 696 -3.41 -8.89 17.03
N GLU A 697 -2.98 -9.62 16.01
CA GLU A 697 -1.77 -9.27 15.28
C GLU A 697 -2.13 -8.57 13.96
N ILE A 698 -1.40 -7.51 13.65
CA ILE A 698 -1.59 -6.81 12.39
C ILE A 698 -1.01 -7.66 11.25
N THR A 699 -1.90 -8.27 10.47
CA THR A 699 -1.49 -9.21 9.44
C THR A 699 -1.53 -8.59 8.04
N ALA A 700 -0.53 -8.90 7.24
CA ALA A 700 -0.50 -8.47 5.84
C ALA A 700 -0.52 -9.67 4.91
N MET A 701 -1.11 -9.51 3.74
CA MET A 701 -1.16 -10.57 2.74
C MET A 701 -0.48 -10.13 1.45
N THR A 702 0.27 -11.04 0.83
CA THR A 702 0.96 -10.74 -0.41
C THR A 702 0.66 -11.82 -1.44
N GLY A 703 0.27 -11.41 -2.65
CA GLY A 703 -0.11 -12.37 -3.67
C GLY A 703 -0.25 -11.76 -5.05
N ASP A 704 -0.66 -12.58 -6.01
CA ASP A 704 -0.78 -12.15 -7.40
C ASP A 704 -1.99 -12.78 -8.09
N GLY A 705 -2.39 -13.95 -7.62
CA GLY A 705 -3.48 -14.68 -8.24
C GLY A 705 -4.84 -14.39 -7.65
N VAL A 706 -5.87 -14.96 -8.25
CA VAL A 706 -7.24 -14.77 -7.80
C VAL A 706 -7.52 -15.56 -6.53
N ASN A 707 -6.64 -16.51 -6.23
CA ASN A 707 -6.77 -17.33 -5.03
C ASN A 707 -6.23 -16.62 -3.79
N ASP A 708 -5.70 -15.43 -3.98
CA ASP A 708 -5.16 -14.64 -2.87
C ASP A 708 -6.12 -13.51 -2.48
N ALA A 709 -7.07 -13.22 -3.36
CA ALA A 709 -8.01 -12.12 -3.16
C ALA A 709 -8.77 -12.15 -1.82
N PRO A 710 -9.28 -13.34 -1.40
CA PRO A 710 -9.92 -13.34 -0.07
C PRO A 710 -8.97 -12.99 1.07
N ALA A 711 -7.75 -13.52 1.01
CA ALA A 711 -6.77 -13.26 2.07
C ALA A 711 -6.26 -11.83 1.99
N LEU A 712 -6.20 -11.28 0.78
CA LEU A 712 -5.79 -9.90 0.57
C LEU A 712 -6.83 -8.94 1.14
N LYS A 713 -8.10 -9.35 1.07
CA LYS A 713 -9.19 -8.55 1.63
C LYS A 713 -9.26 -8.72 3.14
N LYS A 714 -9.00 -9.93 3.61
CA LYS A 714 -9.11 -10.23 5.03
C LYS A 714 -8.01 -9.55 5.85
N ALA A 715 -6.81 -9.52 5.30
CA ALA A 715 -5.64 -8.96 6.00
C ALA A 715 -5.79 -7.45 6.21
N GLU A 716 -5.03 -6.93 7.17
CA GLU A 716 -5.05 -5.48 7.45
C GLU A 716 -4.64 -4.69 6.21
N ILE A 717 -3.70 -5.23 5.44
CA ILE A 717 -3.28 -4.59 4.20
C ILE A 717 -2.90 -5.63 3.14
N GLY A 718 -3.45 -5.48 1.95
CA GLY A 718 -3.18 -6.40 0.85
C GLY A 718 -2.16 -5.83 -0.12
N ILE A 719 -1.13 -6.61 -0.41
CA ILE A 719 -0.09 -6.20 -1.33
C ILE A 719 -0.06 -7.11 -2.57
N ALA A 720 -0.34 -6.52 -3.74
CA ALA A 720 -0.38 -7.28 -4.97
C ALA A 720 0.86 -7.02 -5.82
N MET A 721 1.23 -8.00 -6.65
CA MET A 721 2.33 -7.85 -7.59
C MET A 721 1.84 -7.09 -8.83
N GLY A 722 2.68 -6.19 -9.32
CA GLY A 722 2.34 -5.39 -10.50
C GLY A 722 2.16 -6.24 -11.73
N SER A 723 2.84 -7.38 -11.76
CA SER A 723 2.72 -8.32 -12.87
C SER A 723 1.69 -9.40 -12.54
N GLY A 724 0.86 -9.13 -11.54
CA GLY A 724 -0.16 -10.08 -11.11
C GLY A 724 -1.48 -9.85 -11.84
N THR A 725 -2.54 -10.47 -11.34
CA THR A 725 -3.86 -10.31 -11.94
C THR A 725 -4.51 -9.01 -11.52
N ALA A 726 -5.53 -8.58 -12.27
CA ALA A 726 -6.27 -7.37 -11.95
C ALA A 726 -7.18 -7.62 -10.76
N VAL A 727 -7.56 -8.89 -10.56
CA VAL A 727 -8.38 -9.29 -9.43
C VAL A 727 -7.62 -9.10 -8.12
N ALA A 728 -6.36 -9.54 -8.10
CA ALA A 728 -5.53 -9.41 -6.92
C ALA A 728 -5.28 -7.95 -6.58
N LYS A 729 -5.07 -7.13 -7.61
CA LYS A 729 -4.81 -5.71 -7.42
C LYS A 729 -6.02 -4.99 -6.85
N THR A 730 -7.20 -5.35 -7.36
CA THR A 730 -8.46 -4.77 -6.91
C THR A 730 -8.68 -5.03 -5.42
N ALA A 731 -8.28 -6.21 -4.97
CA ALA A 731 -8.48 -6.61 -3.58
C ALA A 731 -7.28 -6.23 -2.70
N SER A 732 -6.48 -5.27 -3.16
CA SER A 732 -5.28 -4.87 -2.44
C SER A 732 -5.28 -3.39 -2.06
N GLU A 733 -4.39 -3.03 -1.14
CA GLU A 733 -4.25 -1.64 -0.72
C GLU A 733 -2.98 -1.02 -1.29
N MET A 734 -2.09 -1.86 -1.79
CA MET A 734 -0.82 -1.41 -2.33
C MET A 734 -0.34 -2.35 -3.44
N VAL A 735 0.08 -1.78 -4.57
CA VAL A 735 0.54 -2.57 -5.70
C VAL A 735 2.01 -2.35 -5.98
N LEU A 736 2.78 -3.44 -6.00
CA LEU A 736 4.20 -3.36 -6.32
C LEU A 736 4.42 -3.48 -7.83
N ALA A 737 4.42 -2.35 -8.52
CA ALA A 737 4.60 -2.33 -9.97
C ALA A 737 5.98 -2.86 -10.37
N ASP A 738 6.97 -2.60 -9.53
CA ASP A 738 8.33 -3.05 -9.78
C ASP A 738 8.50 -4.53 -9.42
N ASP A 739 7.48 -5.09 -8.78
CA ASP A 739 7.52 -6.46 -8.23
C ASP A 739 8.69 -6.62 -7.27
N ASN A 740 9.11 -5.51 -6.67
CA ASN A 740 10.23 -5.52 -5.73
C ASN A 740 9.75 -5.82 -4.32
N PHE A 741 10.15 -6.97 -3.79
CA PHE A 741 9.69 -7.42 -2.48
C PHE A 741 10.29 -6.55 -1.37
N SER A 742 11.46 -5.98 -1.63
CA SER A 742 12.13 -5.13 -0.65
C SER A 742 11.38 -3.83 -0.39
N THR A 743 10.50 -3.46 -1.32
CA THR A 743 9.70 -2.25 -1.17
C THR A 743 8.73 -2.39 -0.01
N ILE A 744 8.35 -3.64 0.28
CA ILE A 744 7.45 -3.92 1.41
C ILE A 744 8.10 -3.52 2.72
N VAL A 745 9.38 -3.87 2.87
CA VAL A 745 10.14 -3.53 4.07
C VAL A 745 10.29 -2.02 4.19
N ALA A 746 10.52 -1.35 3.06
CA ALA A 746 10.65 0.10 3.05
C ALA A 746 9.34 0.76 3.48
N ALA A 747 8.22 0.16 3.10
CA ALA A 747 6.90 0.65 3.48
C ALA A 747 6.70 0.50 4.98
N VAL A 748 7.28 -0.55 5.55
CA VAL A 748 7.21 -0.79 6.99
C VAL A 748 7.96 0.31 7.74
N GLU A 749 9.21 0.55 7.33
CA GLU A 749 10.03 1.59 7.93
C GLU A 749 9.35 2.96 7.81
N GLU A 750 8.74 3.20 6.66
CA GLU A 750 8.02 4.46 6.43
C GLU A 750 6.90 4.65 7.43
N GLY A 751 6.11 3.60 7.63
CA GLY A 751 5.00 3.64 8.58
C GLY A 751 5.48 3.88 10.00
N ARG A 752 6.59 3.24 10.37
CA ARG A 752 7.17 3.43 11.69
C ARG A 752 7.75 4.83 11.83
N ALA A 753 8.23 5.36 10.71
CA ALA A 753 8.83 6.71 10.69
C ALA A 753 7.75 7.78 10.84
N ILE A 754 6.64 7.61 10.13
CA ILE A 754 5.52 8.54 10.21
C ILE A 754 4.98 8.62 11.63
N TYR A 755 4.83 7.47 12.27
CA TYR A 755 4.33 7.41 13.63
C TYR A 755 5.29 8.08 14.60
N ASN A 756 6.59 7.84 14.42
CA ASN A 756 7.61 8.44 15.27
C ASN A 756 7.70 9.95 15.11
N ASN A 757 7.49 10.42 13.89
CA ASN A 757 7.51 11.86 13.62
C ASN A 757 6.32 12.55 14.27
N MET A 758 5.20 11.84 14.37
CA MET A 758 4.02 12.37 15.03
C MET A 758 4.24 12.48 16.53
N LYS A 759 5.03 11.56 17.09
CA LYS A 759 5.33 11.57 18.51
C LYS A 759 6.17 12.78 18.90
N GLN A 760 7.26 13.00 18.17
CA GLN A 760 8.16 14.12 18.44
C GLN A 760 7.50 15.46 18.13
N PHE A 761 6.53 15.45 17.22
CA PHE A 761 5.75 16.64 16.93
C PHE A 761 4.91 17.00 18.15
N ILE A 762 4.28 16.00 18.74
CA ILE A 762 3.49 16.18 19.95
C ILE A 762 4.40 16.43 21.15
N ARG A 763 5.50 15.69 21.21
CA ARG A 763 6.46 15.81 22.30
C ARG A 763 7.01 17.22 22.40
N TYR A 764 7.12 17.88 21.25
CA TYR A 764 7.60 19.26 21.20
C TYR A 764 6.49 20.26 21.51
N LEU A 765 5.41 20.19 20.73
CA LEU A 765 4.34 21.17 20.79
C LEU A 765 3.63 21.18 22.15
N ILE A 766 3.62 20.04 22.83
CA ILE A 766 2.99 19.97 24.15
C ILE A 766 3.91 20.52 25.23
N SER A 767 5.13 20.00 25.28
CA SER A 767 6.09 20.40 26.30
C SER A 767 6.44 21.90 26.23
N SER A 768 6.22 22.49 25.06
CA SER A 768 6.49 23.91 24.87
C SER A 768 5.29 24.78 25.24
N ASN A 769 4.12 24.41 24.74
CA ASN A 769 2.91 25.18 24.99
C ASN A 769 2.45 25.08 26.45
N VAL A 770 2.75 23.95 27.08
CA VAL A 770 2.46 23.78 28.50
C VAL A 770 3.29 24.77 29.31
N GLY A 771 4.54 24.94 28.92
CA GLY A 771 5.42 25.89 29.56
C GLY A 771 4.92 27.32 29.44
N GLU A 772 4.27 27.63 28.32
CA GLU A 772 3.68 28.94 28.11
C GLU A 772 2.52 29.17 29.06
N VAL A 773 1.74 28.12 29.31
CA VAL A 773 0.58 28.20 30.19
C VAL A 773 1.01 28.35 31.65
N VAL A 774 1.91 27.49 32.08
CA VAL A 774 2.37 27.51 33.48
C VAL A 774 3.19 28.76 33.78
N CYS A 775 3.63 29.44 32.74
CA CYS A 775 4.35 30.71 32.91
C CYS A 775 3.38 31.81 33.30
N ILE A 776 2.21 31.83 32.66
CA ILE A 776 1.19 32.83 32.93
C ILE A 776 0.63 32.66 34.33
N PHE A 777 0.38 31.42 34.71
CA PHE A 777 -0.18 31.12 36.02
C PHE A 777 0.82 31.36 37.15
N LEU A 778 2.11 31.20 36.84
CA LEU A 778 3.15 31.44 37.84
C LEU A 778 3.20 32.91 38.25
N THR A 779 3.09 33.80 37.28
CA THR A 779 3.14 35.24 37.55
C THR A 779 1.97 35.66 38.43
N ALA A 780 0.80 35.10 38.16
CA ALA A 780 -0.41 35.43 38.92
C ALA A 780 -0.39 34.77 40.29
N ALA A 781 0.40 33.72 40.43
CA ALA A 781 0.48 32.98 41.69
C ALA A 781 1.51 33.59 42.64
N LEU A 782 2.67 33.95 42.11
CA LEU A 782 3.74 34.51 42.92
C LEU A 782 3.47 35.98 43.26
N GLY A 783 2.68 36.64 42.43
CA GLY A 783 2.33 38.03 42.65
C GLY A 783 3.06 38.97 41.71
N LEU A 784 3.94 38.41 40.89
CA LEU A 784 4.70 39.19 39.92
C LEU A 784 3.77 39.82 38.88
N PRO A 785 4.17 40.97 38.31
CA PRO A 785 3.35 41.62 37.28
C PRO A 785 3.23 40.79 36.00
N GLU A 786 2.42 41.26 35.06
CA GLU A 786 2.20 40.56 33.81
C GLU A 786 3.49 40.33 33.04
N ALA A 787 3.62 39.15 32.45
CA ALA A 787 4.82 38.79 31.71
C ALA A 787 4.66 39.04 30.22
N LEU A 788 3.47 38.78 29.70
CA LEU A 788 3.19 38.93 28.27
C LEU A 788 1.84 39.57 28.00
N ILE A 789 1.73 40.27 26.88
CA ILE A 789 0.46 40.81 26.42
C ILE A 789 -0.10 39.90 25.34
N PRO A 790 -1.42 39.96 25.09
CA PRO A 790 -2.05 39.12 24.05
C PRO A 790 -1.34 39.15 22.71
N VAL A 791 -0.82 40.31 22.31
CA VAL A 791 -0.11 40.44 21.05
C VAL A 791 1.20 39.66 21.08
N GLN A 792 1.85 39.65 22.24
CA GLN A 792 3.11 38.94 22.40
C GLN A 792 2.87 37.43 22.46
N LEU A 793 1.72 37.03 23.00
CA LEU A 793 1.35 35.62 23.04
C LEU A 793 1.20 35.07 21.63
N LEU A 794 0.58 35.85 20.75
CA LEU A 794 0.37 35.45 19.37
C LEU A 794 1.70 35.32 18.63
N TRP A 795 2.62 36.22 18.93
CA TRP A 795 3.93 36.21 18.29
C TRP A 795 4.71 34.95 18.61
N VAL A 796 4.68 34.53 19.88
CA VAL A 796 5.34 33.30 20.29
C VAL A 796 4.74 32.13 19.53
N ASN A 797 3.43 32.16 19.35
CA ASN A 797 2.71 31.12 18.64
C ASN A 797 3.17 30.97 17.19
N LEU A 798 3.29 32.09 16.49
CA LEU A 798 3.71 32.08 15.10
C LEU A 798 5.14 31.57 14.96
N VAL A 799 6.00 32.03 15.86
CA VAL A 799 7.43 31.72 15.79
C VAL A 799 7.75 30.29 16.22
N THR A 800 7.03 29.79 17.23
CA THR A 800 7.35 28.50 17.82
C THR A 800 6.45 27.35 17.34
N ASP A 801 5.19 27.64 17.07
CA ASP A 801 4.25 26.60 16.66
C ASP A 801 4.02 26.61 15.15
N GLY A 802 5.03 27.04 14.39
CA GLY A 802 4.93 27.12 12.95
C GLY A 802 5.80 26.12 12.23
N LEU A 803 6.68 26.62 11.36
CA LEU A 803 7.59 25.79 10.60
C LEU A 803 8.54 24.93 11.46
N PRO A 804 9.03 25.45 12.60
CA PRO A 804 9.85 24.56 13.43
C PRO A 804 9.09 23.31 13.90
N ALA A 805 7.76 23.40 13.98
CA ALA A 805 6.95 22.25 14.35
C ALA A 805 6.71 21.34 13.14
N THR A 806 6.36 21.96 12.01
CA THR A 806 6.06 21.23 10.78
C THR A 806 7.29 20.50 10.24
N ALA A 807 8.46 21.08 10.46
CA ALA A 807 9.71 20.50 9.96
C ALA A 807 10.04 19.19 10.65
N LEU A 808 9.43 18.95 11.81
CA LEU A 808 9.64 17.70 12.54
C LEU A 808 9.04 16.51 11.80
N GLY A 809 8.13 16.81 10.87
CA GLY A 809 7.54 15.78 10.03
C GLY A 809 8.52 15.30 8.97
N PHE A 810 9.67 15.95 8.91
CA PHE A 810 10.72 15.57 7.97
C PHE A 810 11.93 15.01 8.70
N ASN A 811 11.72 14.58 9.94
CA ASN A 811 12.79 13.98 10.74
C ASN A 811 13.21 12.64 10.17
N PRO A 812 14.52 12.33 10.27
CA PRO A 812 15.05 11.02 9.89
C PRO A 812 14.65 9.93 10.88
N PRO A 813 14.55 8.68 10.40
CA PRO A 813 14.21 7.55 11.28
C PRO A 813 15.34 7.23 12.26
N ASP A 814 14.99 6.73 13.44
CA ASP A 814 15.99 6.41 14.46
C ASP A 814 16.94 5.31 14.02
N LEU A 815 18.03 5.14 14.77
CA LEU A 815 19.07 4.18 14.43
C LEU A 815 18.63 2.74 14.64
N ASP A 816 17.55 2.55 15.40
CA ASP A 816 17.05 1.21 15.70
C ASP A 816 15.56 1.09 15.40
N ILE A 817 15.11 1.74 14.33
CA ILE A 817 13.71 1.74 13.96
C ILE A 817 13.30 0.39 13.36
N MET A 818 14.24 -0.28 12.70
CA MET A 818 13.96 -1.57 12.08
C MET A 818 14.69 -2.71 12.80
N ASP A 819 14.98 -2.49 14.08
CA ASP A 819 15.61 -3.52 14.90
C ASP A 819 14.87 -3.68 16.21
N ARG A 820 13.60 -3.25 16.21
CA ARG A 820 12.75 -3.31 17.39
C ARG A 820 11.37 -3.83 17.01
N PRO A 821 10.81 -4.74 17.83
CA PRO A 821 9.48 -5.32 17.62
C PRO A 821 8.40 -4.26 17.37
N PRO A 822 7.40 -4.59 16.55
CA PRO A 822 6.34 -3.67 16.13
C PRO A 822 5.49 -3.17 17.30
N ARG A 823 4.88 -1.99 17.12
CA ARG A 823 4.05 -1.39 18.15
C ARG A 823 2.71 -2.11 18.29
N SER A 824 2.38 -2.51 19.51
CA SER A 824 1.12 -3.18 19.79
C SER A 824 -0.07 -2.24 19.60
N PRO A 825 -1.19 -2.79 19.11
CA PRO A 825 -2.42 -2.00 18.95
C PRO A 825 -2.98 -1.54 20.30
N LYS A 826 -2.58 -2.23 21.37
CA LYS A 826 -3.04 -1.90 22.71
C LYS A 826 -2.31 -0.68 23.27
N GLU A 827 -1.16 -0.36 22.68
CA GLU A 827 -0.35 0.77 23.14
C GLU A 827 -1.08 2.09 22.95
N PRO A 828 -1.19 2.87 24.04
CA PRO A 828 -1.85 4.18 24.01
C PRO A 828 -1.05 5.21 23.23
N LEU A 829 -1.70 6.31 22.85
CA LEU A 829 -1.04 7.37 22.09
C LEU A 829 0.09 8.00 22.90
N ILE A 830 -0.20 8.32 24.16
CA ILE A 830 0.79 8.92 25.04
C ILE A 830 1.02 8.07 26.29
N SER A 831 2.25 7.62 26.48
CA SER A 831 2.61 6.84 27.64
C SER A 831 2.58 7.68 28.90
N GLY A 832 2.42 7.03 30.05
CA GLY A 832 2.43 7.72 31.32
C GLY A 832 3.78 8.36 31.59
N TRP A 833 4.84 7.66 31.20
CA TRP A 833 6.20 8.18 31.31
C TRP A 833 6.40 9.35 30.36
N LEU A 834 5.76 9.26 29.19
CA LEU A 834 5.90 10.29 28.17
C LEU A 834 5.14 11.55 28.55
N PHE A 835 4.10 11.39 29.36
CA PHE A 835 3.33 12.53 29.84
C PHE A 835 4.11 13.27 30.92
N PHE A 836 4.89 12.51 31.69
CA PHE A 836 5.78 13.10 32.68
C PHE A 836 6.89 13.88 31.98
N ARG A 837 7.26 13.42 30.79
CA ARG A 837 8.26 14.09 29.97
C ARG A 837 7.77 15.48 29.57
N TYR A 838 6.47 15.59 29.32
CA TYR A 838 5.87 16.85 28.91
C TYR A 838 5.91 17.87 30.05
N MET A 839 5.58 17.42 31.26
CA MET A 839 5.49 18.30 32.41
C MET A 839 6.87 18.64 32.95
N ALA A 840 7.83 17.73 32.77
CA ALA A 840 9.20 17.96 33.20
C ALA A 840 9.86 19.08 32.40
N ILE A 841 9.64 19.04 31.09
CA ILE A 841 10.16 20.08 30.21
C ILE A 841 9.32 21.34 30.31
N GLY A 842 8.00 21.16 30.31
CA GLY A 842 7.07 22.28 30.40
C GLY A 842 7.22 23.04 31.71
N GLY A 843 7.50 22.32 32.78
CA GLY A 843 7.67 22.93 34.08
C GLY A 843 8.91 23.80 34.16
N TYR A 844 9.98 23.34 33.52
CA TYR A 844 11.23 24.09 33.50
C TYR A 844 11.12 25.35 32.65
N VAL A 845 10.70 25.19 31.40
CA VAL A 845 10.60 26.32 30.46
C VAL A 845 9.58 27.35 30.93
N GLY A 846 8.66 26.93 31.79
CA GLY A 846 7.67 27.84 32.34
C GLY A 846 8.25 28.65 33.50
N ALA A 847 9.11 28.00 34.28
CA ALA A 847 9.78 28.67 35.39
C ALA A 847 11.04 29.39 34.91
N ALA A 848 11.50 29.03 33.72
CA ALA A 848 12.66 29.66 33.12
C ALA A 848 12.29 31.00 32.51
N THR A 849 11.01 31.19 32.23
CA THR A 849 10.52 32.42 31.63
C THR A 849 10.18 33.46 32.69
N VAL A 850 9.56 33.01 33.78
CA VAL A 850 9.24 33.91 34.89
C VAL A 850 10.49 34.22 35.70
N GLY A 851 11.52 33.40 35.55
CA GLY A 851 12.77 33.60 36.23
C GLY A 851 13.61 34.66 35.55
N ALA A 852 13.51 34.71 34.22
CA ALA A 852 14.25 35.70 33.44
C ALA A 852 13.60 37.07 33.57
N ALA A 853 12.29 37.09 33.78
CA ALA A 853 11.56 38.35 33.95
C ALA A 853 11.83 38.95 35.31
N ALA A 854 11.96 38.08 36.32
CA ALA A 854 12.25 38.51 37.68
C ALA A 854 13.72 38.89 37.81
N TRP A 855 14.54 38.34 36.92
CA TRP A 855 15.98 38.61 36.94
C TRP A 855 16.27 40.07 36.56
N TRP A 856 15.48 40.62 35.66
CA TRP A 856 15.66 42.00 35.23
C TRP A 856 15.26 42.97 36.32
N PHE A 857 14.32 42.55 37.16
CA PHE A 857 13.84 43.39 38.27
C PHE A 857 14.81 43.38 39.44
N MET A 858 15.45 42.24 39.68
CA MET A 858 16.27 42.07 40.87
C MET A 858 17.77 42.03 40.58
N TYR A 859 18.25 40.86 40.20
CA TYR A 859 19.69 40.60 40.07
C TYR A 859 20.37 41.42 38.98
N ALA A 860 19.57 42.01 38.09
CA ALA A 860 20.10 42.79 36.99
C ALA A 860 20.93 43.98 37.47
N GLU A 861 22.15 44.09 36.98
CA GLU A 861 23.07 45.15 37.38
C GLU A 861 22.86 46.41 36.53
N ASP A 862 23.26 46.32 35.26
CA ASP A 862 23.14 47.45 34.34
C ASP A 862 21.69 47.73 33.99
N GLY A 863 20.84 46.72 34.16
CA GLY A 863 19.42 46.87 33.92
C GLY A 863 18.78 47.83 34.90
N PRO A 864 18.10 48.87 34.37
CA PRO A 864 17.48 49.92 35.19
C PRO A 864 16.41 49.38 36.12
N GLY A 865 16.68 49.38 37.42
CA GLY A 865 15.74 48.89 38.41
C GLY A 865 16.26 47.69 39.18
N VAL A 866 16.71 47.93 40.41
CA VAL A 866 17.22 46.86 41.25
C VAL A 866 16.44 46.78 42.56
N THR A 867 15.59 45.77 42.68
CA THR A 867 14.79 45.58 43.88
C THR A 867 14.94 44.18 44.46
N TYR A 868 14.39 43.97 45.65
CA TYR A 868 14.46 42.70 46.33
C TYR A 868 13.15 42.34 47.01
N HIS A 869 12.56 41.22 46.62
CA HIS A 869 11.36 40.67 47.25
C HIS A 869 10.18 41.65 47.25
N GLN A 870 10.18 42.58 46.30
CA GLN A 870 9.11 43.57 46.21
C GLN A 870 8.26 43.33 44.96
N LEU A 871 8.61 42.31 44.19
CA LEU A 871 7.84 41.96 43.01
C LEU A 871 6.49 41.40 43.41
N THR A 872 6.46 40.72 44.55
CA THR A 872 5.23 40.13 45.08
C THR A 872 4.23 41.23 45.43
N HIS A 873 4.73 42.35 45.92
CA HIS A 873 3.88 43.47 46.30
C HIS A 873 4.26 44.72 45.50
N PHE A 874 3.85 44.76 44.23
CA PHE A 874 4.21 45.86 43.36
C PHE A 874 3.06 46.85 43.18
N MET A 875 1.87 46.45 43.61
CA MET A 875 0.70 47.33 43.55
C MET A 875 0.44 47.99 44.88
N GLN A 876 1.47 48.08 45.71
CA GLN A 876 1.33 48.69 47.02
C GLN A 876 1.97 50.08 47.06
N CYS A 877 3.05 50.24 46.31
CA CYS A 877 3.82 51.49 46.32
C CYS A 877 2.99 52.70 45.91
N THR A 878 1.88 52.46 45.22
CA THR A 878 0.97 53.53 44.85
C THR A 878 0.31 54.14 46.09
N GLU A 879 0.02 53.29 47.07
CA GLU A 879 -0.62 53.72 48.30
C GLU A 879 0.29 53.57 49.51
N ASP A 880 1.23 52.63 49.42
CA ASP A 880 2.19 52.40 50.50
C ASP A 880 3.57 51.99 49.96
N HIS A 881 4.63 52.55 50.53
CA HIS A 881 5.99 52.20 50.11
C HIS A 881 6.90 52.02 51.33
N PRO A 882 6.61 50.93 52.15
CA PRO A 882 7.51 50.81 53.31
C PRO A 882 8.98 50.49 53.01
N HIS A 883 9.23 49.57 52.08
CA HIS A 883 10.61 49.19 51.74
C HIS A 883 11.11 49.64 50.37
N PHE A 884 10.33 50.48 49.70
CA PHE A 884 10.72 50.95 48.37
C PHE A 884 11.82 52.01 48.45
N GLU A 885 12.79 51.91 47.56
CA GLU A 885 13.94 52.81 47.55
C GLU A 885 13.50 54.26 47.28
N GLY A 886 12.46 54.42 46.46
CA GLY A 886 11.96 55.73 46.11
C GLY A 886 12.05 55.96 44.62
N LEU A 887 12.08 54.86 43.86
CA LEU A 887 12.15 54.94 42.41
C LEU A 887 10.79 55.26 41.80
N ASP A 888 10.65 55.05 40.50
CA ASP A 888 9.41 55.35 39.81
C ASP A 888 8.32 54.35 40.20
N CYS A 889 7.07 54.81 40.21
CA CYS A 889 5.95 53.98 40.62
C CYS A 889 5.40 53.18 39.45
N GLU A 890 5.93 53.44 38.26
CA GLU A 890 5.46 52.76 37.05
C GLU A 890 6.60 51.97 36.40
N ILE A 891 7.49 51.44 37.23
CA ILE A 891 8.62 50.67 36.73
C ILE A 891 8.20 49.23 36.41
N PHE A 892 7.12 48.78 37.04
CA PHE A 892 6.66 47.42 36.86
C PHE A 892 5.89 47.25 35.55
N GLU A 893 5.72 48.34 34.83
CA GLU A 893 5.06 48.31 33.53
C GLU A 893 6.07 48.52 32.41
N ALA A 894 7.34 48.25 32.71
CA ALA A 894 8.40 48.40 31.72
C ALA A 894 8.34 47.27 30.69
N PRO A 895 8.62 47.60 29.42
CA PRO A 895 8.60 46.62 28.33
C PRO A 895 9.87 45.77 28.27
N GLU A 896 10.89 46.18 29.02
CA GLU A 896 12.19 45.49 28.99
C GLU A 896 12.17 44.11 29.67
N PRO A 897 11.59 43.98 30.89
CA PRO A 897 11.58 42.64 31.46
C PRO A 897 10.66 41.67 30.72
N MET A 898 9.61 42.21 30.11
CA MET A 898 8.68 41.40 29.34
C MET A 898 9.32 40.90 28.05
N THR A 899 10.22 41.70 27.50
CA THR A 899 10.93 41.34 26.28
C THR A 899 11.94 40.24 26.58
N MET A 900 12.50 40.27 27.79
CA MET A 900 13.40 39.22 28.25
C MET A 900 12.67 37.88 28.32
N ALA A 901 11.47 37.90 28.89
CA ALA A 901 10.65 36.71 29.00
C ALA A 901 10.25 36.18 27.63
N LEU A 902 9.91 37.10 26.72
CA LEU A 902 9.54 36.75 25.36
C LEU A 902 10.72 36.14 24.61
N SER A 903 11.90 36.69 24.85
CA SER A 903 13.12 36.24 24.18
C SER A 903 13.49 34.81 24.60
N VAL A 904 13.43 34.56 25.91
CA VAL A 904 13.74 33.24 26.45
C VAL A 904 12.70 32.23 25.99
N LEU A 905 11.43 32.61 26.07
CA LEU A 905 10.32 31.73 25.70
C LEU A 905 10.45 31.23 24.27
N VAL A 906 10.87 32.12 23.36
CA VAL A 906 11.10 31.75 21.98
C VAL A 906 12.35 30.89 21.84
N THR A 907 13.43 31.34 22.48
CA THR A 907 14.73 30.68 22.37
C THR A 907 14.72 29.28 23.00
N ILE A 908 14.11 29.16 24.16
CA ILE A 908 14.11 27.89 24.89
C ILE A 908 13.26 26.83 24.18
N GLU A 909 12.37 27.28 23.30
CA GLU A 909 11.54 26.37 22.52
C GLU A 909 12.25 25.99 21.23
N MET A 910 13.09 26.89 20.72
CA MET A 910 13.92 26.58 19.57
C MET A 910 14.95 25.53 19.96
N CYS A 911 15.40 25.59 21.21
CA CYS A 911 16.29 24.57 21.76
C CYS A 911 15.52 23.29 22.03
N ASN A 912 14.28 23.44 22.49
CA ASN A 912 13.42 22.29 22.77
C ASN A 912 13.10 21.50 21.52
N ALA A 913 13.10 22.19 20.37
CA ALA A 913 12.84 21.54 19.10
C ALA A 913 14.03 20.67 18.68
N LEU A 914 15.21 21.02 19.18
CA LEU A 914 16.41 20.23 18.91
C LEU A 914 16.34 18.88 19.63
N ASN A 915 15.60 18.86 20.73
CA ASN A 915 15.40 17.63 21.50
C ASN A 915 14.30 16.76 20.88
N SER A 916 13.65 17.27 19.84
CA SER A 916 12.55 16.55 19.21
C SER A 916 12.98 15.93 17.89
N LEU A 917 14.23 15.49 17.83
CA LEU A 917 14.73 14.77 16.67
C LEU A 917 14.59 13.26 16.88
N SER A 918 14.42 12.88 18.14
CA SER A 918 14.23 11.48 18.50
C SER A 918 13.46 11.38 19.82
N GLU A 919 13.22 10.16 20.27
CA GLU A 919 12.48 9.95 21.52
C GLU A 919 13.42 9.66 22.69
N ASN A 920 14.35 8.73 22.50
CA ASN A 920 15.26 8.34 23.55
C ASN A 920 16.72 8.49 23.16
N GLN A 921 16.97 8.65 21.86
CA GLN A 921 18.33 8.80 21.36
C GLN A 921 18.91 10.15 21.73
N SER A 922 20.18 10.15 22.13
CA SER A 922 20.86 11.38 22.57
C SER A 922 21.04 12.37 21.43
N LEU A 923 21.34 13.61 21.78
CA LEU A 923 21.55 14.65 20.79
C LEU A 923 22.92 14.52 20.14
N MET A 924 23.81 13.77 20.81
CA MET A 924 25.13 13.49 20.27
C MET A 924 25.06 12.30 19.31
N ARG A 925 24.33 11.26 19.71
CA ARG A 925 24.11 10.10 18.86
C ARG A 925 23.31 10.51 17.63
N MET A 926 22.34 11.40 17.84
CA MET A 926 21.55 11.97 16.75
C MET A 926 21.78 13.48 16.68
N PRO A 927 22.82 13.88 15.93
CA PRO A 927 23.25 15.28 15.79
C PRO A 927 22.13 16.20 15.33
N PRO A 928 22.19 17.49 15.73
CA PRO A 928 21.17 18.47 15.35
C PRO A 928 21.15 18.77 13.86
N TRP A 929 22.24 18.45 13.15
CA TRP A 929 22.30 18.69 11.71
C TRP A 929 21.79 17.51 10.92
N VAL A 930 21.06 16.60 11.59
CA VAL A 930 20.47 15.46 10.92
C VAL A 930 19.18 15.89 10.23
N ASN A 931 18.65 17.04 10.66
CA ASN A 931 17.46 17.61 10.03
C ASN A 931 17.71 19.05 9.63
N ILE A 932 18.09 19.26 8.37
CA ILE A 932 18.38 20.59 7.87
C ILE A 932 17.11 21.43 7.76
N TRP A 933 16.00 20.77 7.46
CA TRP A 933 14.71 21.45 7.33
C TRP A 933 14.28 22.08 8.64
N LEU A 934 14.66 21.44 9.75
CA LEU A 934 14.35 21.98 11.08
C LEU A 934 15.23 23.18 11.40
N LEU A 935 16.52 23.07 11.14
CA LEU A 935 17.46 24.14 11.42
C LEU A 935 17.15 25.39 10.60
N GLY A 936 16.69 25.19 9.37
CA GLY A 936 16.30 26.30 8.51
C GLY A 936 15.06 26.99 9.02
N SER A 937 14.21 26.23 9.72
CA SER A 937 12.99 26.76 10.30
C SER A 937 13.28 27.53 11.58
N ILE A 938 14.23 27.02 12.36
CA ILE A 938 14.63 27.66 13.61
C ILE A 938 15.27 29.01 13.35
N CYS A 939 16.23 29.04 12.42
CA CYS A 939 16.93 30.27 12.08
C CYS A 939 15.97 31.31 11.50
N LEU A 940 15.03 30.86 10.68
CA LEU A 940 14.02 31.76 10.13
C LEU A 940 13.15 32.34 11.24
N SER A 941 12.78 31.49 12.19
CA SER A 941 11.98 31.92 13.33
C SER A 941 12.79 32.80 14.26
N MET A 942 14.08 32.47 14.39
CA MET A 942 14.97 33.22 15.26
C MET A 942 15.25 34.61 14.69
N SER A 943 15.54 34.66 13.40
CA SER A 943 15.82 35.91 12.71
C SER A 943 14.59 36.81 12.66
N LEU A 944 13.42 36.19 12.49
CA LEU A 944 12.16 36.92 12.46
C LEU A 944 11.91 37.58 13.80
N HIS A 945 12.47 37.01 14.86
CA HIS A 945 12.36 37.57 16.20
C HIS A 945 13.35 38.72 16.39
N PHE A 946 14.47 38.65 15.67
CA PHE A 946 15.47 39.71 15.75
C PHE A 946 15.01 40.95 14.99
N LEU A 947 14.18 40.74 13.97
CA LEU A 947 13.60 41.85 13.22
C LEU A 947 12.61 42.63 14.07
N ILE A 948 11.87 41.92 14.91
CA ILE A 948 10.81 42.52 15.72
C ILE A 948 11.38 43.42 16.82
N LEU A 949 12.69 43.32 17.05
CA LEU A 949 13.34 44.05 18.13
C LEU A 949 14.12 45.27 17.68
N TYR A 950 14.67 45.21 16.47
CA TYR A 950 15.61 46.24 16.02
C TYR A 950 15.10 47.09 14.86
N VAL A 951 14.24 46.52 14.02
CA VAL A 951 13.65 47.29 12.93
C VAL A 951 12.69 48.32 13.50
N ASP A 952 13.10 49.60 13.41
CA ASP A 952 12.51 50.72 14.15
C ASP A 952 11.00 50.69 14.44
N PRO A 953 10.15 50.46 13.41
CA PRO A 953 8.72 50.55 13.72
C PRO A 953 8.18 49.32 14.48
N LEU A 954 8.91 48.23 14.47
CA LEU A 954 8.41 46.95 15.00
C LEU A 954 8.34 46.84 16.53
N PRO A 955 9.42 47.20 17.27
CA PRO A 955 9.34 46.98 18.71
C PRO A 955 8.32 47.88 19.41
N MET A 956 7.90 48.95 18.76
CA MET A 956 6.90 49.84 19.32
C MET A 956 5.51 49.20 19.21
N ILE A 957 5.28 48.51 18.10
CA ILE A 957 4.01 47.85 17.87
C ILE A 957 3.85 46.64 18.78
N PHE A 958 4.94 45.88 18.94
CA PHE A 958 4.93 44.69 19.78
C PHE A 958 5.30 45.02 21.22
N LYS A 959 5.45 46.31 21.50
CA LYS A 959 5.77 46.81 22.85
C LYS A 959 7.03 46.15 23.40
N LEU A 960 8.12 46.27 22.66
CA LEU A 960 9.39 45.64 23.06
C LEU A 960 10.55 46.62 23.00
N LYS A 961 11.64 46.26 23.68
CA LYS A 961 12.87 47.03 23.62
C LYS A 961 14.06 46.10 23.38
N ALA A 962 15.06 46.60 22.64
CA ALA A 962 16.21 45.79 22.28
C ALA A 962 16.98 45.30 23.50
N LEU A 963 17.60 44.13 23.38
CA LEU A 963 18.37 43.54 24.46
C LEU A 963 19.85 43.81 24.28
N ASP A 964 20.54 44.03 25.39
CA ASP A 964 21.99 44.23 25.37
C ASP A 964 22.67 42.90 25.09
N LEU A 965 23.94 42.95 24.69
CA LEU A 965 24.70 41.75 24.39
C LEU A 965 24.89 40.89 25.64
N THR A 966 24.82 41.51 26.81
CA THR A 966 24.93 40.79 28.07
C THR A 966 23.60 40.13 28.41
N GLN A 967 22.50 40.77 28.00
CA GLN A 967 21.16 40.27 28.28
C GLN A 967 20.86 39.00 27.49
N TRP A 968 21.32 38.96 26.24
CA TRP A 968 21.14 37.79 25.41
C TRP A 968 21.92 36.60 25.94
N LEU A 969 23.08 36.87 26.54
CA LEU A 969 23.88 35.82 27.16
C LEU A 969 23.14 35.21 28.34
N MET A 970 22.31 36.02 29.01
CA MET A 970 21.48 35.53 30.10
C MET A 970 20.35 34.67 29.55
N VAL A 971 19.81 35.06 28.41
CA VAL A 971 18.76 34.30 27.74
C VAL A 971 19.26 32.90 27.38
N LEU A 972 20.43 32.84 26.77
CA LEU A 972 21.04 31.57 26.39
C LEU A 972 21.46 30.77 27.61
N LYS A 973 21.83 31.47 28.69
CA LYS A 973 22.26 30.82 29.91
C LYS A 973 21.12 30.03 30.55
N ILE A 974 19.89 30.44 30.26
CA ILE A 974 18.71 29.80 30.84
C ILE A 974 18.02 28.89 29.82
N SER A 975 18.09 29.27 28.55
CA SER A 975 17.42 28.50 27.50
C SER A 975 18.19 27.22 27.15
N LEU A 976 19.48 27.35 26.90
CA LEU A 976 20.32 26.22 26.49
C LEU A 976 20.28 25.01 27.44
N PRO A 977 20.27 25.24 28.77
CA PRO A 977 20.23 24.04 29.63
C PRO A 977 18.90 23.26 29.60
N VAL A 978 18.00 23.60 28.69
CA VAL A 978 16.81 22.78 28.49
C VAL A 978 17.20 21.56 27.68
N ILE A 979 18.34 21.64 27.00
CA ILE A 979 18.89 20.52 26.26
C ILE A 979 19.32 19.42 27.22
N GLY A 980 20.05 19.83 28.26
CA GLY A 980 20.55 18.89 29.25
C GLY A 980 19.45 18.19 30.04
N LEU A 981 18.36 18.91 30.29
CA LEU A 981 17.24 18.35 31.04
C LEU A 981 16.63 17.16 30.32
N ASP A 982 16.25 17.37 29.06
CA ASP A 982 15.68 16.29 28.26
C ASP A 982 16.72 15.23 27.96
N GLU A 983 17.99 15.65 27.91
CA GLU A 983 19.09 14.73 27.67
C GLU A 983 19.18 13.69 28.79
N ILE A 984 18.98 14.16 30.03
CA ILE A 984 18.93 13.27 31.18
C ILE A 984 17.70 12.36 31.08
N LEU A 985 16.57 12.95 30.72
CA LEU A 985 15.33 12.20 30.56
C LEU A 985 15.45 11.17 29.44
N LYS A 986 16.24 11.50 28.41
CA LYS A 986 16.50 10.57 27.33
C LYS A 986 17.45 9.47 27.79
N PHE A 987 18.30 9.79 28.77
CA PHE A 987 19.25 8.83 29.30
C PHE A 987 18.57 7.83 30.24
N ILE A 988 17.52 8.29 30.92
CA ILE A 988 16.78 7.45 31.86
C ILE A 988 15.96 6.39 31.13
N ALA A 989 15.18 6.83 30.14
CA ALA A 989 14.30 5.93 29.40
C ALA A 989 15.08 4.92 28.57
N ARG A 990 16.26 5.32 28.11
CA ARG A 990 17.08 4.48 27.25
C ARG A 990 17.87 3.43 28.04
N ASN A 991 18.36 3.83 29.21
CA ASN A 991 19.22 2.97 30.01
C ASN A 991 18.53 2.39 31.24
N TYR A 992 18.07 3.27 32.13
CA TYR A 992 17.51 2.84 33.41
C TYR A 992 16.10 2.27 33.24
N LEU A 993 15.47 2.53 32.10
CA LEU A 993 14.13 2.04 31.84
C LEU A 993 14.15 1.00 30.72
N GLU A 994 13.53 1.33 29.59
CA GLU A 994 13.48 0.42 28.45
C GLU A 994 13.81 1.15 27.15
N GLY A 995 14.95 0.81 26.56
CA GLY A 995 15.38 1.44 25.33
C GLY A 995 14.52 1.08 24.13
#